data_5MZI
#
_entry.id   5MZI
#
_cell.length_a   69.580
_cell.length_b   52.970
_cell.length_c   136.140
_cell.angle_alpha   90.00
_cell.angle_beta   103.87
_cell.angle_gamma   90.00
#
_symmetry.space_group_name_H-M   'P 1 21 1'
#
loop_
_entity.id
_entity.type
_entity.pdbx_description
1 polymer 'Kynurenine 3-monooxygenase'
2 non-polymer 'FLAVIN-ADENINE DINUCLEOTIDE'
3 non-polymer 'CHLORIDE ION'
4 non-polymer '3-(5-chloro-6-cyclopropoxy-2-oxo-2,3-dihydro-1,3-benzoxazol-3-yl)propanoic acid'
5 non-polymer GLYCEROL
6 water water
#
_entity_poly.entity_id   1
_entity_poly.type   'polypeptide(L)'
_entity_poly.pdbx_seq_one_letter_code
;MTATDNARQVTIIGAGLAGTLVARLLARNGWQVNLFERRPDPRIETGARGRSINLALAERGAHALRLAGLEREVLAEAVM
MRGRMVHVPGTPPNLQPYGRDDSEVIWSINRDRLNRILLDGAEAAGASIHFNLGLDSVDFARQRLTLSNVSGERLEKRFH
LLIGADGCNSAVRQAMASVVDLGEHLETQPHGYKELQITPEASAQFNLEPNALHIWPHGDYMCIALPNLDRSFTVTLFLH
HQSPAAQPASPSFAQLVDGHAARRFFQRQFPDLSPMLDSLEQDFEHHPTGKLATLRLTTWHVGGQAVLLGDAAHPMVPFH
GQGMNCALEDAVALAEHLQSAADNASALAAFTAQRQPDALAIQAMALENYVEMSSKVASPTYLLERELGQIMAQRQPTRF
IPRYSMVTFSRLPYAQAMARGQIQEQLLKFAVANHSDLTSINLDAVEHEVTRCLPPLSHLS
;
_entity_poly.pdbx_strand_id   A,B
#
# COMPACT_ATOMS: atom_id res chain seq x y z
N ALA A 7 -3.52 -23.29 -45.37
CA ALA A 7 -2.97 -23.31 -44.02
C ALA A 7 -2.00 -22.16 -43.80
N ARG A 8 -2.17 -21.45 -42.68
CA ARG A 8 -1.34 -20.34 -42.28
C ARG A 8 0.08 -20.82 -41.99
N GLN A 9 1.09 -20.05 -42.43
CA GLN A 9 2.50 -20.45 -42.32
C GLN A 9 3.23 -19.62 -41.26
N VAL A 10 4.19 -20.26 -40.60
CA VAL A 10 4.98 -19.63 -39.57
C VAL A 10 6.35 -20.26 -39.48
N THR A 11 7.35 -19.40 -39.30
CA THR A 11 8.74 -19.78 -39.09
C THR A 11 9.09 -19.39 -37.66
N ILE A 12 9.61 -20.34 -36.89
CA ILE A 12 9.99 -20.06 -35.53
C ILE A 12 11.48 -20.21 -35.40
N ILE A 13 12.13 -19.24 -34.76
CA ILE A 13 13.56 -19.31 -34.49
C ILE A 13 13.77 -19.64 -33.05
N GLY A 14 14.41 -20.78 -32.80
CA GLY A 14 14.72 -21.22 -31.44
C GLY A 14 13.79 -22.31 -30.94
N ALA A 15 14.32 -23.53 -30.88
CA ALA A 15 13.56 -24.68 -30.38
C ALA A 15 13.88 -24.86 -28.89
N GLY A 16 13.75 -23.76 -28.13
CA GLY A 16 13.91 -23.76 -26.68
C GLY A 16 12.55 -24.02 -26.06
N LEU A 17 12.28 -23.46 -24.91
CA LEU A 17 11.03 -23.75 -24.20
C LEU A 17 9.81 -23.07 -24.82
N ALA A 18 9.89 -21.74 -25.04
CA ALA A 18 8.76 -21.02 -25.68
C ALA A 18 8.56 -21.48 -27.13
N GLY A 19 9.67 -21.58 -27.88
CA GLY A 19 9.62 -21.91 -29.31
C GLY A 19 8.92 -23.23 -29.64
N THR A 20 9.26 -24.26 -28.88
CA THR A 20 8.75 -25.60 -29.14
CA THR A 20 8.72 -25.61 -29.05
C THR A 20 7.29 -25.67 -28.63
N LEU A 21 6.95 -24.98 -27.52
CA LEU A 21 5.56 -24.97 -27.08
C LEU A 21 4.65 -24.26 -28.12
N VAL A 22 5.04 -23.06 -28.57
CA VAL A 22 4.24 -22.35 -29.56
C VAL A 22 4.15 -23.21 -30.88
N ALA A 23 5.25 -23.91 -31.27
CA ALA A 23 5.25 -24.77 -32.45
C ALA A 23 4.16 -25.86 -32.31
N ARG A 24 4.06 -26.50 -31.14
CA ARG A 24 3.04 -27.55 -30.92
C ARG A 24 1.61 -26.99 -30.98
N LEU A 25 1.39 -25.86 -30.29
CA LEU A 25 0.06 -25.25 -30.24
C LEU A 25 -0.41 -24.83 -31.60
N LEU A 26 0.49 -24.24 -32.39
CA LEU A 26 0.13 -23.79 -33.73
C LEU A 26 -0.03 -24.99 -34.69
N ALA A 27 0.91 -25.96 -34.67
CA ALA A 27 0.86 -27.13 -35.58
C ALA A 27 -0.41 -27.95 -35.34
N ARG A 28 -0.84 -28.11 -34.08
CA ARG A 28 -2.05 -28.90 -33.82
C ARG A 28 -3.33 -28.16 -34.28
N ASN A 29 -3.22 -26.83 -34.48
CA ASN A 29 -4.30 -26.03 -35.03
C ASN A 29 -4.21 -25.95 -36.57
N GLY A 30 -3.37 -26.76 -37.17
CA GLY A 30 -3.22 -26.85 -38.62
C GLY A 30 -2.30 -25.85 -39.30
N TRP A 31 -1.50 -25.07 -38.52
CA TRP A 31 -0.52 -24.15 -39.12
C TRP A 31 0.61 -24.99 -39.71
N GLN A 32 1.22 -24.48 -40.78
CA GLN A 32 2.41 -25.10 -41.35
C GLN A 32 3.56 -24.46 -40.57
N VAL A 33 4.22 -25.28 -39.73
CA VAL A 33 5.24 -24.77 -38.83
C VAL A 33 6.62 -25.29 -39.17
N ASN A 34 7.59 -24.38 -39.34
CA ASN A 34 9.01 -24.74 -39.51
C ASN A 34 9.79 -24.06 -38.39
N LEU A 35 10.52 -24.85 -37.61
CA LEU A 35 11.26 -24.38 -36.46
C LEU A 35 12.75 -24.58 -36.73
N PHE A 36 13.54 -23.50 -36.62
CA PHE A 36 15.00 -23.51 -36.83
C PHE A 36 15.74 -23.35 -35.53
N GLU A 37 16.72 -24.23 -35.30
CA GLU A 37 17.45 -24.23 -34.03
C GLU A 37 18.93 -24.32 -34.32
N ARG A 38 19.73 -23.45 -33.67
CA ARG A 38 21.17 -23.40 -33.87
C ARG A 38 21.89 -24.66 -33.37
N ARG A 39 21.46 -25.17 -32.21
CA ARG A 39 22.12 -26.32 -31.59
C ARG A 39 21.79 -27.63 -32.33
N PRO A 40 22.53 -28.73 -32.04
CA PRO A 40 22.12 -30.05 -32.58
C PRO A 40 20.87 -30.53 -31.82
N ASP A 41 20.21 -31.56 -32.37
CA ASP A 41 19.04 -32.16 -31.71
C ASP A 41 19.51 -32.90 -30.43
N PRO A 42 19.09 -32.47 -29.22
CA PRO A 42 19.56 -33.15 -27.98
C PRO A 42 19.00 -34.57 -27.85
N ARG A 43 17.98 -34.89 -28.65
CA ARG A 43 17.40 -36.26 -28.62
C ARG A 43 18.32 -37.27 -29.33
N ILE A 44 19.27 -36.75 -30.15
CA ILE A 44 20.23 -37.62 -30.85
C ILE A 44 21.36 -37.90 -29.84
N GLU A 45 21.32 -39.09 -29.23
CA GLU A 45 22.30 -39.46 -28.23
C GLU A 45 23.70 -39.56 -28.81
N THR A 46 24.67 -38.88 -28.14
CA THR A 46 26.09 -38.91 -28.52
C THR A 46 26.90 -39.40 -27.33
N GLY A 47 28.22 -39.41 -27.45
CA GLY A 47 29.07 -39.83 -26.34
C GLY A 47 29.51 -38.65 -25.48
N ALA A 48 28.96 -37.44 -25.74
CA ALA A 48 29.27 -36.21 -25.00
C ALA A 48 28.76 -36.28 -23.57
N ARG A 49 29.58 -35.81 -22.61
CA ARG A 49 29.17 -35.81 -21.19
C ARG A 49 28.44 -34.50 -20.88
N GLY A 50 27.12 -34.53 -20.99
CA GLY A 50 26.25 -33.38 -20.71
C GLY A 50 26.02 -33.17 -19.23
N ARG A 51 25.84 -31.90 -18.80
CA ARG A 51 25.59 -31.61 -17.39
C ARG A 51 24.13 -31.18 -17.14
N SER A 52 23.58 -31.68 -16.02
CA SER A 52 22.21 -31.45 -15.58
C SER A 52 21.98 -30.06 -14.95
N ILE A 53 21.07 -29.28 -15.53
CA ILE A 53 20.64 -28.02 -14.93
C ILE A 53 19.12 -28.12 -14.71
N ASN A 54 18.69 -27.84 -13.48
CA ASN A 54 17.27 -27.90 -13.12
C ASN A 54 16.66 -26.56 -13.09
N LEU A 55 15.35 -26.55 -13.34
CA LEU A 55 14.55 -25.33 -13.28
C LEU A 55 13.34 -25.60 -12.40
N ALA A 56 12.82 -24.55 -11.75
CA ALA A 56 11.62 -24.60 -10.93
C ALA A 56 10.41 -24.34 -11.85
N LEU A 57 9.56 -25.34 -11.98
CA LEU A 57 8.34 -25.30 -12.78
C LEU A 57 7.19 -25.03 -11.80
N ALA A 58 6.46 -23.95 -12.02
CA ALA A 58 5.37 -23.55 -11.15
C ALA A 58 4.02 -23.60 -11.91
N GLU A 59 2.90 -23.19 -11.26
CA GLU A 59 1.57 -23.30 -11.87
C GLU A 59 1.47 -22.66 -13.29
N ARG A 60 2.11 -21.51 -13.56
CA ARG A 60 2.03 -20.90 -14.90
C ARG A 60 2.58 -21.81 -16.00
N GLY A 61 3.78 -22.33 -15.77
CA GLY A 61 4.39 -23.25 -16.72
C GLY A 61 3.63 -24.56 -16.80
N ALA A 62 3.22 -25.11 -15.64
CA ALA A 62 2.50 -26.40 -15.59
C ALA A 62 1.17 -26.32 -16.33
N HIS A 63 0.43 -25.20 -16.14
CA HIS A 63 -0.83 -24.97 -16.84
C HIS A 63 -0.62 -24.87 -18.35
N ALA A 64 0.45 -24.18 -18.79
CA ALA A 64 0.77 -24.06 -20.23
C ALA A 64 1.01 -25.48 -20.80
N LEU A 65 1.77 -26.30 -20.07
CA LEU A 65 2.00 -27.69 -20.48
C LEU A 65 0.70 -28.52 -20.48
N ARG A 66 -0.18 -28.28 -19.49
CA ARG A 66 -1.49 -28.94 -19.33
C ARG A 66 -2.35 -28.65 -20.56
N LEU A 67 -2.41 -27.37 -20.99
CA LEU A 67 -3.15 -26.98 -22.19
C LEU A 67 -2.61 -27.70 -23.44
N ALA A 68 -1.28 -27.90 -23.50
CA ALA A 68 -0.59 -28.59 -24.61
C ALA A 68 -0.69 -30.14 -24.56
N GLY A 69 -1.20 -30.70 -23.47
CA GLY A 69 -1.34 -32.14 -23.25
C GLY A 69 -0.02 -32.79 -22.90
N LEU A 70 0.94 -32.01 -22.35
CA LEU A 70 2.27 -32.51 -22.00
C LEU A 70 2.60 -32.55 -20.51
N GLU A 71 1.70 -32.05 -19.66
CA GLU A 71 1.98 -31.91 -18.23
C GLU A 71 2.32 -33.23 -17.53
N ARG A 72 1.51 -34.27 -17.76
CA ARG A 72 1.71 -35.60 -17.15
C ARG A 72 3.11 -36.13 -17.45
N GLU A 73 3.51 -36.09 -18.74
CA GLU A 73 4.82 -36.56 -19.19
C GLU A 73 5.97 -35.79 -18.49
N VAL A 74 5.86 -34.45 -18.41
CA VAL A 74 6.88 -33.62 -17.76
C VAL A 74 6.93 -33.88 -16.24
N LEU A 75 5.77 -33.88 -15.57
CA LEU A 75 5.73 -34.09 -14.12
C LEU A 75 6.23 -35.48 -13.69
N ALA A 76 6.10 -36.49 -14.57
CA ALA A 76 6.59 -37.86 -14.27
C ALA A 76 8.10 -37.83 -14.07
N GLU A 77 8.78 -36.80 -14.63
CA GLU A 77 10.22 -36.64 -14.54
C GLU A 77 10.60 -35.47 -13.58
N ALA A 78 9.68 -34.99 -12.74
CA ALA A 78 9.94 -33.83 -11.86
C ALA A 78 9.90 -34.17 -10.39
N VAL A 79 10.77 -33.52 -9.57
CA VAL A 79 10.81 -33.74 -8.12
C VAL A 79 9.96 -32.66 -7.47
N MET A 80 9.06 -33.08 -6.59
CA MET A 80 8.21 -32.15 -5.86
C MET A 80 9.05 -31.33 -4.83
N MET A 81 8.84 -30.03 -4.77
CA MET A 81 9.51 -29.19 -3.77
C MET A 81 8.39 -28.57 -2.96
N ARG A 82 8.18 -29.10 -1.75
CA ARG A 82 7.08 -28.77 -0.83
C ARG A 82 7.28 -27.47 -0.10
N GLY A 83 8.54 -27.02 -0.04
CA GLY A 83 8.87 -25.82 0.71
C GLY A 83 10.29 -25.41 0.52
N ARG A 84 10.65 -24.30 1.18
CA ARG A 84 11.99 -23.74 1.14
C ARG A 84 12.77 -24.18 2.37
N MET A 85 13.99 -24.70 2.19
CA MET A 85 14.82 -25.09 3.32
C MET A 85 15.96 -24.07 3.43
N VAL A 86 15.93 -23.23 4.49
CA VAL A 86 16.92 -22.17 4.71
C VAL A 86 18.06 -22.69 5.56
N HIS A 87 19.30 -22.55 5.08
CA HIS A 87 20.47 -23.05 5.79
C HIS A 87 21.32 -21.90 6.31
N VAL A 88 21.34 -21.75 7.62
CA VAL A 88 22.17 -20.73 8.27
C VAL A 88 23.00 -21.49 9.32
N PRO A 89 24.35 -21.37 9.30
CA PRO A 89 25.16 -22.13 10.28
C PRO A 89 24.81 -21.75 11.71
N GLY A 90 24.68 -22.77 12.56
CA GLY A 90 24.31 -22.62 13.97
C GLY A 90 22.83 -22.85 14.28
N THR A 91 21.98 -22.97 13.24
CA THR A 91 20.54 -23.28 13.37
C THR A 91 20.29 -24.54 12.51
N PRO A 92 19.39 -25.49 12.91
CA PRO A 92 19.14 -26.64 12.03
C PRO A 92 18.43 -26.15 10.76
N PRO A 93 18.46 -26.88 9.62
CA PRO A 93 17.74 -26.38 8.42
C PRO A 93 16.26 -26.18 8.73
N ASN A 94 15.72 -25.01 8.33
CA ASN A 94 14.32 -24.68 8.61
C ASN A 94 13.45 -24.75 7.37
N LEU A 95 12.47 -25.67 7.39
CA LEU A 95 11.54 -25.88 6.27
C LEU A 95 10.34 -24.97 6.37
N GLN A 96 10.20 -24.11 5.37
CA GLN A 96 9.09 -23.18 5.24
C GLN A 96 8.15 -23.72 4.14
N PRO A 97 7.07 -24.44 4.51
CA PRO A 97 6.15 -24.97 3.47
C PRO A 97 5.62 -23.88 2.58
N TYR A 98 5.65 -24.13 1.28
CA TYR A 98 5.24 -23.19 0.24
C TYR A 98 3.74 -22.89 0.26
N GLY A 99 2.95 -23.87 0.68
CA GLY A 99 1.51 -23.74 0.73
C GLY A 99 0.79 -24.64 1.70
N ARG A 100 -0.53 -24.66 1.58
CA ARG A 100 -1.48 -25.38 2.42
C ARG A 100 -1.24 -26.90 2.47
N ASP A 101 -0.94 -27.51 1.31
CA ASP A 101 -0.73 -28.95 1.15
C ASP A 101 0.10 -29.23 -0.11
N ASP A 102 0.14 -30.50 -0.58
CA ASP A 102 0.93 -30.85 -1.77
C ASP A 102 0.34 -30.36 -3.11
N SER A 103 -0.79 -29.62 -3.10
CA SER A 103 -1.30 -29.05 -4.35
C SER A 103 -0.51 -27.75 -4.66
N GLU A 104 0.07 -27.11 -3.62
CA GLU A 104 0.86 -25.87 -3.74
C GLU A 104 2.35 -26.22 -3.56
N VAL A 105 2.92 -26.68 -4.64
CA VAL A 105 4.32 -27.09 -4.70
C VAL A 105 4.94 -26.55 -5.96
N ILE A 106 6.26 -26.60 -6.03
CA ILE A 106 6.98 -26.29 -7.25
C ILE A 106 7.72 -27.54 -7.64
N TRP A 107 7.94 -27.70 -8.91
CA TRP A 107 8.53 -28.92 -9.44
C TRP A 107 9.91 -28.65 -9.95
N SER A 108 10.87 -29.45 -9.55
CA SER A 108 12.22 -29.34 -10.08
C SER A 108 12.31 -30.26 -11.31
N ILE A 109 12.55 -29.69 -12.50
CA ILE A 109 12.66 -30.47 -13.74
C ILE A 109 14.01 -30.25 -14.43
N ASN A 110 14.62 -31.31 -14.97
CA ASN A 110 15.84 -31.18 -15.75
C ASN A 110 15.49 -30.46 -17.07
N ARG A 111 16.22 -29.38 -17.37
CA ARG A 111 15.90 -28.58 -18.57
C ARG A 111 15.99 -29.39 -19.87
N ASP A 112 17.04 -30.21 -19.99
CA ASP A 112 17.24 -31.05 -21.17
C ASP A 112 16.06 -32.03 -21.36
N ARG A 113 15.61 -32.71 -20.28
CA ARG A 113 14.48 -33.66 -20.32
C ARG A 113 13.22 -32.92 -20.77
N LEU A 114 12.97 -31.71 -20.18
CA LEU A 114 11.82 -30.88 -20.55
C LEU A 114 11.90 -30.53 -22.06
N ASN A 115 13.08 -30.11 -22.52
CA ASN A 115 13.23 -29.70 -23.92
C ASN A 115 13.00 -30.87 -24.90
N ARG A 116 13.48 -32.08 -24.53
CA ARG A 116 13.26 -33.29 -25.36
C ARG A 116 11.76 -33.61 -25.45
N ILE A 117 11.04 -33.53 -24.33
CA ILE A 117 9.60 -33.80 -24.29
C ILE A 117 8.88 -32.79 -25.22
N LEU A 118 9.28 -31.51 -25.12
CA LEU A 118 8.70 -30.45 -25.93
C LEU A 118 8.96 -30.67 -27.41
N LEU A 119 10.22 -31.06 -27.78
CA LEU A 119 10.54 -31.33 -29.20
C LEU A 119 9.67 -32.45 -29.75
N ASP A 120 9.53 -33.55 -29.00
CA ASP A 120 8.66 -34.68 -29.40
C ASP A 120 7.22 -34.20 -29.59
N GLY A 121 6.74 -33.36 -28.66
CA GLY A 121 5.39 -32.83 -28.73
C GLY A 121 5.16 -31.96 -29.96
N ALA A 122 6.13 -31.12 -30.32
CA ALA A 122 5.99 -30.24 -31.50
C ALA A 122 5.95 -31.08 -32.78
N GLU A 123 6.82 -32.11 -32.87
CA GLU A 123 6.83 -33.00 -34.03
C GLU A 123 5.55 -33.86 -34.13
N ALA A 124 5.05 -34.36 -32.98
CA ALA A 124 3.81 -35.17 -32.96
C ALA A 124 2.63 -34.34 -33.50
N ALA A 125 2.65 -33.00 -33.24
CA ALA A 125 1.62 -32.09 -33.71
C ALA A 125 1.78 -31.72 -35.20
N GLY A 126 2.92 -32.07 -35.79
CA GLY A 126 3.16 -31.82 -37.22
C GLY A 126 4.17 -30.74 -37.57
N ALA A 127 4.83 -30.13 -36.58
CA ALA A 127 5.84 -29.10 -36.86
C ALA A 127 7.10 -29.79 -37.42
N SER A 128 7.83 -29.09 -38.29
CA SER A 128 9.11 -29.60 -38.79
C SER A 128 10.22 -28.83 -38.04
N ILE A 129 11.17 -29.56 -37.46
CA ILE A 129 12.26 -28.94 -36.71
C ILE A 129 13.59 -29.18 -37.45
N HIS A 130 14.32 -28.10 -37.70
CA HIS A 130 15.59 -28.10 -38.45
C HIS A 130 16.67 -27.63 -37.51
N PHE A 131 17.56 -28.56 -37.14
CA PHE A 131 18.63 -28.25 -36.21
C PHE A 131 19.90 -27.85 -36.93
N ASN A 132 20.91 -27.38 -36.15
CA ASN A 132 22.24 -27.00 -36.67
C ASN A 132 22.15 -25.86 -37.66
N LEU A 133 21.13 -25.00 -37.48
CA LEU A 133 20.89 -23.83 -38.34
C LEU A 133 20.58 -22.62 -37.47
N GLY A 134 21.54 -21.71 -37.39
CA GLY A 134 21.43 -20.49 -36.60
C GLY A 134 21.01 -19.32 -37.45
N LEU A 135 20.03 -18.52 -36.99
CA LEU A 135 19.62 -17.35 -37.74
C LEU A 135 20.75 -16.32 -37.70
N ASP A 136 21.16 -15.79 -38.88
CA ASP A 136 22.21 -14.75 -38.97
C ASP A 136 21.64 -13.37 -39.24
N SER A 137 20.65 -13.28 -40.14
CA SER A 137 20.09 -11.99 -40.54
C SER A 137 18.70 -12.17 -41.12
N VAL A 138 17.96 -11.06 -41.20
CA VAL A 138 16.60 -11.03 -41.75
C VAL A 138 16.48 -9.84 -42.69
N ASP A 139 15.90 -10.06 -43.87
CA ASP A 139 15.62 -8.98 -44.80
C ASP A 139 14.11 -8.85 -44.72
N PHE A 140 13.63 -7.92 -43.90
CA PHE A 140 12.19 -7.71 -43.73
C PHE A 140 11.47 -7.29 -45.00
N ALA A 141 12.10 -6.41 -45.82
CA ALA A 141 11.51 -5.90 -47.06
C ALA A 141 11.28 -7.02 -48.07
N ARG A 142 12.25 -7.94 -48.18
CA ARG A 142 12.15 -9.06 -49.13
C ARG A 142 11.54 -10.32 -48.51
N GLN A 143 11.31 -10.33 -47.18
CA GLN A 143 10.72 -11.48 -46.46
C GLN A 143 11.57 -12.73 -46.61
N ARG A 144 12.89 -12.55 -46.46
CA ARG A 144 13.85 -13.64 -46.49
C ARG A 144 14.73 -13.56 -45.27
N LEU A 145 15.24 -14.67 -44.87
CA LEU A 145 16.16 -14.75 -43.76
C LEU A 145 17.35 -15.61 -44.16
N THR A 146 18.47 -15.44 -43.46
CA THR A 146 19.68 -16.18 -43.72
C THR A 146 20.01 -16.95 -42.46
N LEU A 147 20.25 -18.23 -42.63
CA LEU A 147 20.66 -19.18 -41.60
C LEU A 147 22.02 -19.73 -41.96
N SER A 148 22.74 -20.24 -40.96
CA SER A 148 24.00 -20.93 -41.23
C SER A 148 24.30 -21.98 -40.21
N ASN A 149 25.11 -23.00 -40.58
CA ASN A 149 25.56 -23.98 -39.59
C ASN A 149 26.80 -23.41 -38.87
N VAL A 150 27.40 -24.17 -37.93
CA VAL A 150 28.59 -23.77 -37.17
C VAL A 150 29.78 -23.42 -38.13
N SER A 151 29.89 -24.13 -39.28
CA SER A 151 30.93 -23.95 -40.31
C SER A 151 30.71 -22.71 -41.19
N GLY A 152 29.64 -21.96 -40.94
CA GLY A 152 29.33 -20.76 -41.71
C GLY A 152 28.72 -20.96 -43.09
N GLU A 153 28.32 -22.20 -43.44
CA GLU A 153 27.65 -22.52 -44.71
C GLU A 153 26.24 -21.89 -44.63
N ARG A 154 25.88 -21.00 -45.55
CA ARG A 154 24.63 -20.27 -45.52
C ARG A 154 23.47 -20.95 -46.27
N LEU A 155 22.25 -20.66 -45.79
CA LEU A 155 21.01 -21.13 -46.35
C LEU A 155 19.99 -19.98 -46.23
N GLU A 156 19.38 -19.60 -47.35
CA GLU A 156 18.35 -18.55 -47.35
C GLU A 156 16.96 -19.17 -47.41
N LYS A 157 16.00 -18.56 -46.71
CA LYS A 157 14.62 -19.04 -46.66
C LYS A 157 13.67 -17.87 -46.72
N ARG A 158 12.57 -18.05 -47.42
CA ARG A 158 11.51 -17.08 -47.45
C ARG A 158 10.70 -17.32 -46.15
N PHE A 159 10.09 -16.25 -45.59
CA PHE A 159 9.23 -16.41 -44.41
C PHE A 159 7.99 -15.55 -44.59
N HIS A 160 6.91 -15.93 -43.92
CA HIS A 160 5.64 -15.21 -43.92
C HIS A 160 5.42 -14.53 -42.58
N LEU A 161 5.63 -15.27 -41.49
CA LEU A 161 5.52 -14.80 -40.12
C LEU A 161 6.72 -15.35 -39.40
N LEU A 162 7.45 -14.48 -38.72
CA LEU A 162 8.66 -14.89 -38.00
C LEU A 162 8.46 -14.75 -36.49
N ILE A 163 8.70 -15.83 -35.76
CA ILE A 163 8.61 -15.81 -34.29
C ILE A 163 10.03 -15.96 -33.72
N GLY A 164 10.46 -14.97 -32.96
CA GLY A 164 11.76 -14.99 -32.30
C GLY A 164 11.59 -15.60 -30.92
N ALA A 165 11.89 -16.89 -30.80
CA ALA A 165 11.83 -17.63 -29.54
C ALA A 165 13.31 -18.05 -29.26
N ASP A 166 14.23 -17.15 -29.63
CA ASP A 166 15.64 -17.48 -29.66
C ASP A 166 16.46 -16.97 -28.45
N GLY A 167 15.81 -16.80 -27.31
CA GLY A 167 16.52 -16.56 -26.05
C GLY A 167 17.06 -15.17 -25.80
N CYS A 168 17.79 -15.02 -24.70
CA CYS A 168 18.19 -13.69 -24.23
C CYS A 168 19.08 -12.91 -25.21
N ASN A 169 19.86 -13.59 -26.07
CA ASN A 169 20.72 -12.95 -27.07
C ASN A 169 20.12 -13.11 -28.46
N SER A 170 18.80 -13.06 -28.51
CA SER A 170 17.97 -13.18 -29.72
C SER A 170 18.55 -12.52 -30.96
N ALA A 171 18.72 -13.33 -32.02
CA ALA A 171 19.12 -12.82 -33.34
C ALA A 171 17.92 -12.15 -34.01
N VAL A 172 16.70 -12.67 -33.77
CA VAL A 172 15.48 -12.02 -34.34
C VAL A 172 15.39 -10.57 -33.80
N ARG A 173 15.55 -10.42 -32.46
CA ARG A 173 15.49 -9.09 -31.83
C ARG A 173 16.55 -8.13 -32.45
N GLN A 174 17.78 -8.64 -32.63
CA GLN A 174 18.85 -7.85 -33.24
C GLN A 174 18.47 -7.45 -34.68
N ALA A 175 17.86 -8.36 -35.45
CA ALA A 175 17.43 -8.05 -36.84
C ALA A 175 16.30 -7.00 -36.85
N MET A 176 15.35 -7.12 -35.90
CA MET A 176 14.24 -6.16 -35.77
C MET A 176 14.75 -4.74 -35.44
N ALA A 177 15.77 -4.65 -34.55
CA ALA A 177 16.40 -3.40 -34.12
C ALA A 177 17.08 -2.61 -35.27
N SER A 178 17.06 -3.16 -36.51
CA SER A 178 17.56 -2.51 -37.72
C SER A 178 16.43 -1.85 -38.53
N VAL A 179 15.16 -2.30 -38.36
CA VAL A 179 13.99 -1.76 -39.07
C VAL A 179 13.09 -0.92 -38.16
N VAL A 180 13.12 -1.16 -36.85
CA VAL A 180 12.32 -0.41 -35.88
C VAL A 180 13.18 -0.09 -34.66
N ASP A 181 12.88 1.03 -33.98
CA ASP A 181 13.56 1.37 -32.74
C ASP A 181 12.80 0.54 -31.69
N LEU A 182 13.46 -0.44 -31.06
CA LEU A 182 12.75 -1.27 -30.09
C LEU A 182 12.61 -0.63 -28.71
N GLY A 183 13.27 0.52 -28.52
CA GLY A 183 13.26 1.28 -27.28
C GLY A 183 13.72 0.40 -26.14
N GLU A 184 14.86 -0.28 -26.34
CA GLU A 184 15.51 -1.23 -25.42
C GLU A 184 16.23 -0.48 -24.31
N HIS A 185 16.14 -1.01 -23.08
CA HIS A 185 16.79 -0.49 -21.89
C HIS A 185 17.34 -1.71 -21.14
N LEU A 186 18.68 -1.87 -21.15
CA LEU A 186 19.41 -2.96 -20.50
C LEU A 186 19.83 -2.53 -19.12
N GLU A 187 19.49 -3.35 -18.13
CA GLU A 187 19.86 -3.13 -16.74
C GLU A 187 20.75 -4.31 -16.41
N THR A 188 22.06 -4.07 -16.36
CA THR A 188 23.01 -5.13 -16.04
C THR A 188 22.83 -5.49 -14.57
N GLN A 189 23.19 -6.70 -14.23
CA GLN A 189 23.05 -7.16 -12.86
C GLN A 189 24.46 -7.51 -12.34
N PRO A 190 24.83 -7.04 -11.14
CA PRO A 190 26.22 -7.26 -10.69
C PRO A 190 26.60 -8.71 -10.38
N HIS A 191 25.61 -9.59 -10.11
CA HIS A 191 25.91 -10.98 -9.79
C HIS A 191 26.14 -11.83 -11.03
N GLY A 192 27.20 -12.62 -10.97
CA GLY A 192 27.44 -13.69 -11.91
C GLY A 192 26.90 -14.95 -11.24
N TYR A 193 26.95 -16.09 -11.93
CA TYR A 193 26.55 -17.36 -11.33
C TYR A 193 27.46 -18.50 -11.77
N LYS A 194 27.58 -19.52 -10.92
CA LYS A 194 28.35 -20.70 -11.20
C LYS A 194 27.53 -21.91 -10.74
N GLU A 195 27.48 -22.96 -11.57
CA GLU A 195 26.77 -24.20 -11.22
C GLU A 195 27.72 -25.24 -10.69
N LEU A 196 27.40 -25.84 -9.55
CA LEU A 196 28.19 -26.86 -8.85
C LEU A 196 27.31 -28.07 -8.57
N GLN A 197 27.90 -29.24 -8.38
CA GLN A 197 27.11 -30.45 -8.20
C GLN A 197 27.25 -31.08 -6.86
N ILE A 198 26.15 -31.69 -6.36
CA ILE A 198 26.14 -32.52 -5.15
C ILE A 198 25.72 -33.87 -5.70
N THR A 199 26.51 -34.90 -5.46
CA THR A 199 26.21 -36.26 -5.93
C THR A 199 25.07 -36.89 -5.10
N PRO A 200 24.42 -37.98 -5.59
CA PRO A 200 23.41 -38.68 -4.77
C PRO A 200 23.97 -39.24 -3.47
N GLU A 201 25.24 -39.77 -3.49
CA GLU A 201 25.89 -40.30 -2.28
C GLU A 201 26.07 -39.17 -1.23
N ALA A 202 26.55 -37.99 -1.68
CA ALA A 202 26.83 -36.85 -0.79
C ALA A 202 25.55 -36.29 -0.19
N SER A 203 24.51 -36.07 -1.02
CA SER A 203 23.24 -35.54 -0.51
C SER A 203 22.61 -36.52 0.53
N ALA A 204 22.69 -37.84 0.29
CA ALA A 204 22.18 -38.85 1.23
C ALA A 204 23.00 -38.86 2.54
N GLN A 205 24.34 -38.80 2.42
CA GLN A 205 25.25 -38.81 3.58
C GLN A 205 24.97 -37.63 4.53
N PHE A 206 24.71 -36.44 3.96
CA PHE A 206 24.50 -35.21 4.73
C PHE A 206 23.02 -34.92 4.99
N ASN A 207 22.12 -35.89 4.67
CA ASN A 207 20.67 -35.80 4.92
C ASN A 207 20.03 -34.56 4.29
N LEU A 208 20.43 -34.23 3.05
CA LEU A 208 19.86 -33.07 2.37
C LEU A 208 18.49 -33.46 1.83
N GLU A 209 17.42 -32.77 2.30
CA GLU A 209 16.03 -33.07 1.93
C GLU A 209 15.78 -33.04 0.39
N PRO A 210 15.38 -34.15 -0.24
CA PRO A 210 15.14 -34.10 -1.70
C PRO A 210 13.88 -33.32 -2.08
N ASN A 211 12.84 -33.31 -1.22
CA ASN A 211 11.59 -32.65 -1.64
C ASN A 211 11.48 -31.18 -1.17
N ALA A 212 12.55 -30.40 -1.41
CA ALA A 212 12.57 -28.99 -1.06
C ALA A 212 13.54 -28.23 -1.94
N LEU A 213 13.35 -26.90 -2.00
CA LEU A 213 14.23 -25.96 -2.68
C LEU A 213 15.11 -25.44 -1.54
N HIS A 214 16.43 -25.54 -1.70
CA HIS A 214 17.38 -25.20 -0.65
C HIS A 214 18.05 -23.87 -0.87
N ILE A 215 18.18 -23.05 0.20
CA ILE A 215 18.87 -21.75 0.11
C ILE A 215 19.90 -21.63 1.24
N TRP A 216 21.10 -21.09 0.89
CA TRP A 216 22.18 -20.74 1.80
C TRP A 216 22.32 -19.21 1.65
N PRO A 217 21.52 -18.44 2.43
CA PRO A 217 21.60 -16.97 2.33
C PRO A 217 22.92 -16.44 2.87
N HIS A 218 23.45 -15.38 2.26
CA HIS A 218 24.71 -14.76 2.74
C HIS A 218 24.80 -13.26 2.34
N GLY A 219 23.67 -12.57 2.39
CA GLY A 219 23.58 -11.14 2.07
C GLY A 219 23.79 -10.85 0.60
N ASP A 220 24.96 -10.29 0.25
CA ASP A 220 25.31 -9.93 -1.13
C ASP A 220 25.59 -11.13 -2.03
N TYR A 221 25.73 -12.30 -1.45
CA TYR A 221 25.90 -13.54 -2.23
C TYR A 221 25.09 -14.66 -1.61
N MET A 222 24.86 -15.74 -2.36
CA MET A 222 24.09 -16.86 -1.84
C MET A 222 24.25 -18.08 -2.75
N CYS A 223 23.78 -19.23 -2.26
CA CYS A 223 23.65 -20.48 -3.01
C CYS A 223 22.21 -20.95 -2.94
N ILE A 224 21.79 -21.63 -3.97
CA ILE A 224 20.49 -22.27 -4.05
C ILE A 224 20.75 -23.67 -4.59
N ALA A 225 19.95 -24.65 -4.16
CA ALA A 225 20.08 -25.99 -4.72
C ALA A 225 18.72 -26.55 -5.07
N LEU A 226 18.65 -27.20 -6.24
CA LEU A 226 17.43 -27.85 -6.73
C LEU A 226 17.72 -29.35 -6.89
N PRO A 227 16.78 -30.18 -6.44
CA PRO A 227 16.99 -31.65 -6.51
C PRO A 227 16.74 -32.26 -7.87
N ASN A 228 17.41 -33.39 -8.13
CA ASN A 228 17.21 -34.21 -9.32
C ASN A 228 16.57 -35.53 -8.89
N LEU A 229 15.95 -36.24 -9.84
CA LEU A 229 15.27 -37.52 -9.62
C LEU A 229 16.17 -38.55 -8.94
N ASP A 230 17.47 -38.51 -9.28
CA ASP A 230 18.45 -39.46 -8.76
C ASP A 230 19.07 -38.99 -7.44
N ARG A 231 18.50 -37.95 -6.76
CA ARG A 231 19.00 -37.42 -5.47
C ARG A 231 20.28 -36.56 -5.61
N SER A 232 20.77 -36.35 -6.83
CA SER A 232 21.87 -35.37 -6.99
C SER A 232 21.18 -33.98 -6.92
N PHE A 233 21.96 -32.91 -6.72
CA PHE A 233 21.42 -31.56 -6.69
C PHE A 233 22.32 -30.67 -7.53
N THR A 234 21.73 -29.69 -8.20
CA THR A 234 22.54 -28.67 -8.89
C THR A 234 22.52 -27.46 -7.98
N VAL A 235 23.70 -27.02 -7.57
CA VAL A 235 23.88 -25.88 -6.69
C VAL A 235 24.26 -24.68 -7.57
N THR A 236 23.59 -23.54 -7.39
CA THR A 236 23.97 -22.35 -8.13
C THR A 236 24.46 -21.31 -7.12
N LEU A 237 25.68 -20.81 -7.31
CA LEU A 237 26.26 -19.75 -6.50
C LEU A 237 25.98 -18.42 -7.23
N PHE A 238 25.40 -17.44 -6.53
CA PHE A 238 25.19 -16.09 -7.06
C PHE A 238 26.18 -15.18 -6.32
N LEU A 239 27.11 -14.57 -7.05
CA LEU A 239 28.17 -13.76 -6.42
C LEU A 239 28.59 -12.64 -7.39
N HIS A 240 28.88 -11.43 -6.86
CA HIS A 240 29.31 -10.31 -7.70
C HIS A 240 30.48 -10.71 -8.62
N HIS A 241 30.46 -10.26 -9.88
CA HIS A 241 31.57 -10.52 -10.81
C HIS A 241 32.83 -9.83 -10.26
N GLN A 242 32.66 -8.59 -9.74
CA GLN A 242 33.76 -7.74 -9.24
C GLN A 242 33.37 -7.11 -7.92
N SER A 243 34.37 -6.83 -7.06
CA SER A 243 34.12 -6.15 -5.79
C SER A 243 33.87 -4.65 -6.08
N PRO A 244 32.86 -4.02 -5.44
CA PRO A 244 32.62 -2.59 -5.69
C PRO A 244 33.77 -1.71 -5.22
N ALA A 245 33.80 -0.45 -5.70
CA ALA A 245 34.80 0.55 -5.33
C ALA A 245 34.74 0.82 -3.80
N ALA A 246 33.52 0.94 -3.25
CA ALA A 246 33.24 1.18 -1.82
C ALA A 246 33.65 0.01 -0.92
N GLN A 247 33.51 -1.23 -1.43
CA GLN A 247 33.86 -2.46 -0.70
C GLN A 247 34.90 -3.30 -1.49
N PRO A 248 36.20 -2.90 -1.49
CA PRO A 248 37.20 -3.66 -2.28
C PRO A 248 37.51 -5.06 -1.74
N ALA A 249 37.31 -5.31 -0.44
CA ALA A 249 37.58 -6.59 0.22
C ALA A 249 36.42 -7.59 0.11
N SER A 250 35.22 -7.12 -0.30
CA SER A 250 34.02 -7.95 -0.43
C SER A 250 34.19 -9.10 -1.45
N PRO A 251 33.69 -10.31 -1.14
CA PRO A 251 33.85 -11.44 -2.08
C PRO A 251 33.32 -11.19 -3.48
N SER A 252 34.01 -11.73 -4.48
CA SER A 252 33.60 -11.61 -5.88
C SER A 252 34.28 -12.71 -6.69
N PHE A 253 33.76 -12.99 -7.91
CA PHE A 253 34.38 -13.98 -8.81
C PHE A 253 35.82 -13.58 -9.17
N ALA A 254 36.08 -12.26 -9.31
CA ALA A 254 37.42 -11.72 -9.61
C ALA A 254 38.43 -12.14 -8.54
N GLN A 255 38.00 -12.30 -7.27
CA GLN A 255 38.88 -12.72 -6.18
C GLN A 255 39.12 -14.23 -6.15
N LEU A 256 38.27 -15.04 -6.83
CA LEU A 256 38.41 -16.50 -6.83
C LEU A 256 39.19 -16.91 -8.08
N VAL A 257 40.54 -16.84 -7.97
CA VAL A 257 41.48 -17.07 -9.08
C VAL A 257 41.41 -18.45 -9.69
N ASP A 258 41.12 -19.46 -8.88
CA ASP A 258 41.00 -20.85 -9.34
C ASP A 258 40.04 -21.64 -8.42
N GLY A 259 39.89 -22.95 -8.69
CA GLY A 259 39.05 -23.85 -7.90
C GLY A 259 39.47 -23.94 -6.43
N HIS A 260 40.78 -23.91 -6.15
CA HIS A 260 41.31 -23.96 -4.77
C HIS A 260 40.85 -22.73 -3.97
N ALA A 261 40.83 -21.52 -4.60
CA ALA A 261 40.33 -20.30 -3.96
C ALA A 261 38.82 -20.46 -3.69
N ALA A 262 38.10 -21.03 -4.66
CA ALA A 262 36.66 -21.27 -4.50
C ALA A 262 36.40 -22.23 -3.32
N ARG A 263 37.25 -23.26 -3.13
CA ARG A 263 37.10 -24.19 -2.01
C ARG A 263 37.26 -23.46 -0.66
N ARG A 264 38.31 -22.64 -0.50
CA ARG A 264 38.59 -21.89 0.73
C ARG A 264 37.43 -20.94 1.05
N PHE A 265 36.89 -20.29 0.02
CA PHE A 265 35.74 -19.39 0.14
C PHE A 265 34.49 -20.16 0.65
N PHE A 266 34.21 -21.34 0.09
CA PHE A 266 33.08 -22.17 0.56
C PHE A 266 33.31 -22.69 1.95
N GLN A 267 34.53 -23.13 2.26
CA GLN A 267 34.83 -23.62 3.62
C GLN A 267 34.61 -22.54 4.67
N ARG A 268 34.88 -21.28 4.34
CA ARG A 268 34.71 -20.18 5.27
C ARG A 268 33.27 -19.64 5.32
N GLN A 269 32.66 -19.43 4.13
CA GLN A 269 31.34 -18.79 4.06
C GLN A 269 30.15 -19.73 3.99
N PHE A 270 30.35 -20.94 3.49
CA PHE A 270 29.28 -21.94 3.40
C PHE A 270 29.78 -23.25 4.01
N PRO A 271 30.16 -23.27 5.32
CA PRO A 271 30.79 -24.48 5.88
C PRO A 271 29.94 -25.76 5.90
N ASP A 272 28.61 -25.64 5.97
CA ASP A 272 27.74 -26.82 5.97
C ASP A 272 27.45 -27.30 4.53
N LEU A 273 27.83 -26.50 3.51
CA LEU A 273 27.63 -26.82 2.10
C LEU A 273 28.89 -27.40 1.46
N SER A 274 30.07 -26.78 1.71
CA SER A 274 31.36 -27.24 1.17
C SER A 274 31.57 -28.78 1.24
N PRO A 275 31.28 -29.51 2.38
CA PRO A 275 31.50 -30.97 2.42
C PRO A 275 30.66 -31.78 1.45
N MET A 276 29.52 -31.22 0.97
CA MET A 276 28.66 -31.86 -0.01
C MET A 276 29.11 -31.68 -1.46
N LEU A 277 30.01 -30.73 -1.70
CA LEU A 277 30.49 -30.40 -3.05
C LEU A 277 31.82 -31.08 -3.35
N ASP A 278 31.78 -32.37 -3.68
CA ASP A 278 32.99 -33.15 -3.93
C ASP A 278 33.84 -32.66 -5.10
N SER A 279 33.20 -32.17 -6.16
CA SER A 279 33.85 -31.71 -7.38
C SER A 279 33.91 -30.19 -7.48
N LEU A 280 33.87 -29.50 -6.34
CA LEU A 280 33.86 -28.02 -6.29
C LEU A 280 34.94 -27.39 -7.17
N GLU A 281 36.21 -27.77 -6.95
CA GLU A 281 37.37 -27.23 -7.67
C GLU A 281 37.22 -27.34 -9.18
N GLN A 282 36.90 -28.56 -9.64
CA GLN A 282 36.70 -28.93 -11.04
C GLN A 282 35.50 -28.20 -11.64
N ASP A 283 34.32 -28.20 -10.94
CA ASP A 283 33.13 -27.50 -11.43
C ASP A 283 33.41 -26.00 -11.59
N PHE A 284 34.11 -25.40 -10.62
CA PHE A 284 34.45 -23.97 -10.63
C PHE A 284 35.28 -23.58 -11.84
N GLU A 285 36.32 -24.38 -12.15
CA GLU A 285 37.24 -24.09 -13.26
C GLU A 285 36.70 -24.45 -14.63
N HIS A 286 35.90 -25.51 -14.74
CA HIS A 286 35.38 -25.98 -16.02
C HIS A 286 34.01 -25.42 -16.39
N HIS A 287 33.18 -25.01 -15.39
CA HIS A 287 31.87 -24.43 -15.72
C HIS A 287 32.04 -22.89 -15.86
N PRO A 288 31.58 -22.27 -16.98
CA PRO A 288 31.79 -20.82 -17.12
C PRO A 288 30.89 -20.00 -16.19
N THR A 289 31.34 -18.81 -15.79
CA THR A 289 30.57 -17.89 -14.94
C THR A 289 29.52 -17.24 -15.83
N GLY A 290 28.25 -17.46 -15.50
CA GLY A 290 27.14 -16.90 -16.27
C GLY A 290 26.86 -15.45 -15.96
N LYS A 291 26.24 -14.75 -16.91
CA LYS A 291 25.88 -13.35 -16.77
C LYS A 291 24.36 -13.22 -16.62
N LEU A 292 23.94 -12.23 -15.85
CA LEU A 292 22.52 -11.93 -15.53
C LEU A 292 22.17 -10.52 -15.96
N ALA A 293 20.93 -10.30 -16.38
CA ALA A 293 20.49 -8.97 -16.78
C ALA A 293 18.99 -8.90 -16.92
N THR A 294 18.48 -7.69 -16.94
CA THR A 294 17.09 -7.39 -17.20
C THR A 294 17.09 -6.53 -18.48
N LEU A 295 16.30 -6.92 -19.46
CA LEU A 295 16.24 -6.12 -20.70
C LEU A 295 14.78 -5.88 -20.97
N ARG A 296 14.41 -4.58 -21.04
CA ARG A 296 13.02 -4.15 -21.25
C ARG A 296 12.92 -3.51 -22.64
N LEU A 297 11.91 -3.92 -23.42
CA LEU A 297 11.71 -3.36 -24.77
C LEU A 297 10.37 -2.68 -24.84
N THR A 298 10.32 -1.54 -25.55
CA THR A 298 9.07 -0.82 -25.77
C THR A 298 8.25 -1.58 -26.82
N THR A 299 8.94 -2.16 -27.80
CA THR A 299 8.34 -2.82 -28.95
C THR A 299 8.77 -4.29 -29.03
N TRP A 300 7.81 -5.22 -29.21
CA TRP A 300 8.10 -6.65 -29.37
C TRP A 300 7.79 -7.19 -30.77
N HIS A 301 7.25 -6.35 -31.66
CA HIS A 301 6.89 -6.82 -32.99
C HIS A 301 7.18 -5.80 -34.08
N VAL A 302 7.27 -6.29 -35.31
CA VAL A 302 7.45 -5.47 -36.53
C VAL A 302 6.19 -5.77 -37.36
N GLY A 303 5.19 -4.88 -37.29
CA GLY A 303 3.93 -5.05 -38.00
C GLY A 303 3.35 -6.44 -37.78
N GLY A 304 3.00 -7.12 -38.86
CA GLY A 304 2.53 -8.51 -38.80
C GLY A 304 3.60 -9.50 -39.21
N GLN A 305 4.84 -9.03 -39.39
CA GLN A 305 5.96 -9.84 -39.88
C GLN A 305 6.72 -10.61 -38.84
N ALA A 306 6.97 -10.00 -37.68
CA ALA A 306 7.80 -10.68 -36.68
C ALA A 306 7.41 -10.31 -35.28
N VAL A 307 7.62 -11.22 -34.35
CA VAL A 307 7.31 -11.01 -32.93
C VAL A 307 8.33 -11.72 -32.10
N LEU A 308 8.57 -11.21 -30.89
CA LEU A 308 9.44 -11.82 -29.91
C LEU A 308 8.60 -12.38 -28.75
N LEU A 309 9.12 -13.42 -28.09
CA LEU A 309 8.49 -13.94 -26.87
C LEU A 309 9.53 -14.61 -26.01
N GLY A 310 9.18 -14.85 -24.76
CA GLY A 310 10.11 -15.48 -23.82
C GLY A 310 11.32 -14.59 -23.56
N ASP A 311 12.48 -15.22 -23.38
CA ASP A 311 13.72 -14.52 -23.13
C ASP A 311 14.10 -13.55 -24.27
N ALA A 312 13.67 -13.81 -25.52
CA ALA A 312 13.96 -12.91 -26.64
C ALA A 312 13.29 -11.53 -26.39
N ALA A 313 12.11 -11.54 -25.75
CA ALA A 313 11.33 -10.32 -25.50
C ALA A 313 11.67 -9.69 -24.17
N HIS A 314 11.93 -10.49 -23.12
CA HIS A 314 12.08 -9.90 -21.78
C HIS A 314 13.06 -10.64 -20.88
N PRO A 315 14.36 -10.62 -21.19
CA PRO A 315 15.34 -11.22 -20.28
C PRO A 315 15.13 -10.69 -18.85
N MET A 316 15.16 -11.61 -17.87
CA MET A 316 14.95 -11.23 -16.49
C MET A 316 15.97 -11.93 -15.61
N VAL A 317 16.15 -11.39 -14.37
CA VAL A 317 17.06 -12.05 -13.42
C VAL A 317 16.33 -13.31 -12.91
N PRO A 318 17.08 -14.38 -12.54
CA PRO A 318 16.40 -15.64 -12.20
C PRO A 318 15.92 -15.81 -10.76
N PHE A 319 15.96 -14.73 -9.97
CA PHE A 319 15.70 -14.79 -8.53
C PHE A 319 14.28 -15.19 -8.13
N HIS A 320 13.34 -15.29 -9.08
CA HIS A 320 11.99 -15.76 -8.75
C HIS A 320 11.68 -17.13 -9.40
N GLY A 321 12.61 -17.66 -10.20
CA GLY A 321 12.42 -18.93 -10.92
C GLY A 321 11.15 -18.86 -11.75
N GLN A 322 11.01 -17.75 -12.54
CA GLN A 322 9.80 -17.55 -13.34
C GLN A 322 10.04 -17.34 -14.84
N GLY A 323 11.28 -17.26 -15.28
CA GLY A 323 11.59 -17.00 -16.69
C GLY A 323 10.97 -18.02 -17.63
N MET A 324 11.19 -19.33 -17.35
CA MET A 324 10.61 -20.42 -18.17
C MET A 324 9.08 -20.38 -18.01
N ASN A 325 8.60 -20.18 -16.74
CA ASN A 325 7.15 -20.12 -16.46
C ASN A 325 6.47 -19.02 -17.30
N CYS A 326 7.12 -17.85 -17.34
CA CYS A 326 6.63 -16.72 -18.12
C CYS A 326 6.71 -17.06 -19.62
N ALA A 327 7.83 -17.67 -20.09
CA ALA A 327 7.99 -17.97 -21.52
C ALA A 327 6.89 -18.95 -22.00
N LEU A 328 6.57 -19.97 -21.18
CA LEU A 328 5.51 -20.93 -21.55
C LEU A 328 4.14 -20.24 -21.55
N GLU A 329 3.91 -19.31 -20.57
CA GLU A 329 2.67 -18.51 -20.49
C GLU A 329 2.57 -17.63 -21.78
N ASP A 330 3.71 -17.03 -22.20
CA ASP A 330 3.77 -16.23 -23.45
C ASP A 330 3.38 -17.09 -24.67
N ALA A 331 3.92 -18.31 -24.77
CA ALA A 331 3.65 -19.23 -25.90
C ALA A 331 2.16 -19.49 -26.05
N VAL A 332 1.46 -19.73 -24.93
CA VAL A 332 0.02 -19.97 -24.96
C VAL A 332 -0.70 -18.74 -25.49
N ALA A 333 -0.34 -17.56 -24.95
CA ALA A 333 -0.98 -16.30 -25.31
C ALA A 333 -0.73 -16.00 -26.79
N LEU A 334 0.51 -16.21 -27.26
CA LEU A 334 0.81 -15.92 -28.66
C LEU A 334 0.04 -16.84 -29.60
N ALA A 335 -0.03 -18.17 -29.28
CA ALA A 335 -0.79 -19.13 -30.12
C ALA A 335 -2.26 -18.77 -30.14
N GLU A 336 -2.81 -18.39 -28.98
CA GLU A 336 -4.21 -17.98 -28.87
C GLU A 336 -4.53 -16.75 -29.73
N HIS A 337 -3.67 -15.72 -29.64
CA HIS A 337 -3.86 -14.49 -30.44
C HIS A 337 -3.75 -14.78 -31.94
N LEU A 338 -2.70 -15.50 -32.35
CA LEU A 338 -2.50 -15.84 -33.78
C LEU A 338 -3.63 -16.66 -34.34
N GLN A 339 -4.12 -17.63 -33.56
CA GLN A 339 -5.18 -18.51 -34.05
C GLN A 339 -6.49 -17.78 -34.34
N SER A 340 -6.87 -16.82 -33.47
CA SER A 340 -8.17 -16.16 -33.50
CA SER A 340 -8.18 -16.16 -33.53
C SER A 340 -8.23 -14.74 -34.07
N ALA A 341 -7.08 -14.12 -34.37
CA ALA A 341 -7.08 -12.71 -34.85
C ALA A 341 -7.58 -12.52 -36.28
N ALA A 342 -7.91 -11.27 -36.64
CA ALA A 342 -8.35 -10.92 -38.01
C ALA A 342 -7.19 -11.13 -39.00
N ASP A 343 -5.95 -10.87 -38.56
CA ASP A 343 -4.72 -10.99 -39.35
C ASP A 343 -3.54 -11.00 -38.40
N ASN A 344 -2.35 -11.38 -38.89
CA ASN A 344 -1.15 -11.43 -38.05
C ASN A 344 -0.78 -10.10 -37.39
N ALA A 345 -0.88 -8.95 -38.12
CA ALA A 345 -0.54 -7.65 -37.53
C ALA A 345 -1.42 -7.36 -36.30
N SER A 346 -2.73 -7.68 -36.36
CA SER A 346 -3.66 -7.48 -35.22
C SER A 346 -3.28 -8.41 -34.07
N ALA A 347 -2.99 -9.69 -34.39
CA ALA A 347 -2.58 -10.69 -33.40
C ALA A 347 -1.34 -10.25 -32.64
N LEU A 348 -0.32 -9.76 -33.38
CA LEU A 348 0.96 -9.37 -32.76
C LEU A 348 0.81 -8.15 -31.84
N ALA A 349 0.02 -7.16 -32.29
CA ALA A 349 -0.25 -5.95 -31.51
C ALA A 349 -1.04 -6.31 -30.23
N ALA A 350 -2.07 -7.18 -30.33
CA ALA A 350 -2.88 -7.59 -29.17
C ALA A 350 -2.04 -8.44 -28.19
N PHE A 351 -1.21 -9.34 -28.72
CA PHE A 351 -0.31 -10.14 -27.88
C PHE A 351 0.64 -9.24 -27.08
N THR A 352 1.32 -8.29 -27.77
CA THR A 352 2.25 -7.37 -27.11
C THR A 352 1.53 -6.51 -26.04
N ALA A 353 0.35 -5.95 -26.37
CA ALA A 353 -0.42 -5.11 -25.42
C ALA A 353 -0.79 -5.91 -24.18
N GLN A 354 -1.15 -7.20 -24.36
CA GLN A 354 -1.54 -8.03 -23.24
C GLN A 354 -0.33 -8.38 -22.35
N ARG A 355 0.75 -8.85 -22.95
CA ARG A 355 1.88 -9.41 -22.21
C ARG A 355 2.89 -8.40 -21.66
N GLN A 356 3.10 -7.28 -22.35
CA GLN A 356 4.11 -6.30 -21.91
C GLN A 356 3.97 -5.86 -20.42
N PRO A 357 2.76 -5.49 -19.92
CA PRO A 357 2.65 -5.10 -18.50
C PRO A 357 3.00 -6.24 -17.53
N ASP A 358 2.64 -7.47 -17.90
CA ASP A 358 2.92 -8.64 -17.07
C ASP A 358 4.41 -8.98 -17.05
N ALA A 359 5.09 -8.87 -18.21
CA ALA A 359 6.55 -9.10 -18.28
C ALA A 359 7.28 -8.04 -17.41
N LEU A 360 6.87 -6.76 -17.48
CA LEU A 360 7.51 -5.71 -16.64
C LEU A 360 7.35 -6.03 -15.16
N ALA A 361 6.14 -6.53 -14.77
CA ALA A 361 5.85 -6.86 -13.36
C ALA A 361 6.73 -8.00 -12.86
N ILE A 362 6.83 -9.12 -13.62
CA ILE A 362 7.68 -10.23 -13.18
C ILE A 362 9.17 -9.80 -13.19
N GLN A 363 9.59 -8.98 -14.17
CA GLN A 363 10.98 -8.48 -14.16
C GLN A 363 11.28 -7.73 -12.84
N ALA A 364 10.37 -6.88 -12.39
CA ALA A 364 10.49 -6.08 -11.16
C ALA A 364 10.44 -7.00 -9.92
N MET A 365 9.47 -7.94 -9.89
CA MET A 365 9.33 -8.90 -8.77
C MET A 365 10.53 -9.85 -8.65
N ALA A 366 11.11 -10.26 -9.78
CA ALA A 366 12.30 -11.12 -9.80
C ALA A 366 13.48 -10.38 -9.15
N LEU A 367 13.71 -9.10 -9.52
CA LEU A 367 14.77 -8.30 -8.92
C LEU A 367 14.55 -8.18 -7.39
N GLU A 368 13.29 -7.92 -6.96
CA GLU A 368 12.95 -7.77 -5.54
C GLU A 368 13.11 -9.08 -4.73
N ASN A 369 12.93 -10.25 -5.38
CA ASN A 369 13.00 -11.51 -4.66
C ASN A 369 14.37 -11.85 -4.10
N TYR A 370 15.42 -11.25 -4.67
CA TYR A 370 16.77 -11.50 -4.21
C TYR A 370 16.92 -11.16 -2.74
N VAL A 371 16.51 -9.93 -2.34
CA VAL A 371 16.64 -9.52 -0.93
C VAL A 371 15.78 -10.41 -0.05
N GLU A 372 14.61 -10.85 -0.56
CA GLU A 372 13.71 -11.76 0.16
C GLU A 372 14.41 -13.08 0.48
N MET A 373 15.28 -13.56 -0.43
CA MET A 373 15.97 -14.84 -0.27
C MET A 373 17.28 -14.79 0.47
N SER A 374 18.08 -13.74 0.20
CA SER A 374 19.45 -13.70 0.67
C SER A 374 19.71 -12.94 1.99
N SER A 375 18.72 -12.21 2.51
CA SER A 375 18.87 -11.53 3.80
C SER A 375 18.48 -12.46 4.96
N SER A 379 15.86 -10.91 10.62
CA SER A 379 15.04 -9.71 10.57
C SER A 379 14.12 -9.59 11.80
N PRO A 380 13.90 -8.36 12.36
CA PRO A 380 13.07 -8.25 13.57
C PRO A 380 11.56 -8.03 13.34
N THR A 381 11.19 -6.85 12.80
CA THR A 381 9.83 -6.41 12.47
C THR A 381 9.17 -7.32 11.42
N TYR A 382 9.98 -7.88 10.50
CA TYR A 382 9.54 -8.75 9.41
C TYR A 382 8.89 -10.06 9.87
N LEU A 383 9.33 -10.64 11.00
CA LEU A 383 8.74 -11.87 11.56
C LEU A 383 7.31 -11.59 12.08
N LEU A 384 7.10 -10.38 12.65
CA LEU A 384 5.79 -9.91 13.13
C LEU A 384 4.85 -9.67 11.93
N GLU A 385 5.39 -9.14 10.81
CA GLU A 385 4.66 -8.95 9.55
C GLU A 385 4.20 -10.29 8.99
N ARG A 386 5.08 -11.31 8.99
CA ARG A 386 4.76 -12.65 8.50
C ARG A 386 3.67 -13.29 9.35
N GLU A 387 3.73 -13.08 10.70
CA GLU A 387 2.75 -13.60 11.65
C GLU A 387 1.38 -12.99 11.35
N LEU A 388 1.32 -11.64 11.20
CA LEU A 388 0.08 -10.93 10.89
C LEU A 388 -0.48 -11.34 9.50
N GLY A 389 0.43 -11.51 8.53
CA GLY A 389 0.10 -11.97 7.17
C GLY A 389 -0.57 -13.33 7.17
N GLN A 390 -0.07 -14.27 8.02
CA GLN A 390 -0.64 -15.63 8.21
C GLN A 390 -2.09 -15.56 8.72
N ILE A 391 -2.34 -14.74 9.76
CA ILE A 391 -3.67 -14.52 10.34
C ILE A 391 -4.61 -13.93 9.30
N MET A 392 -4.14 -12.95 8.49
CA MET A 392 -4.97 -12.32 7.48
C MET A 392 -5.31 -13.31 6.36
N ALA A 393 -4.36 -14.17 5.99
CA ALA A 393 -4.58 -15.21 4.98
C ALA A 393 -5.59 -16.25 5.52
N GLN A 394 -5.53 -16.56 6.83
CA GLN A 394 -6.43 -17.50 7.50
C GLN A 394 -7.86 -16.90 7.60
N ARG A 395 -7.97 -15.60 7.91
CA ARG A 395 -9.26 -14.92 8.02
C ARG A 395 -9.89 -14.65 6.66
N GLN A 396 -9.07 -14.25 5.69
CA GLN A 396 -9.57 -13.87 4.36
C GLN A 396 -8.75 -14.58 3.28
N PRO A 397 -8.90 -15.93 3.11
CA PRO A 397 -8.11 -16.65 2.11
C PRO A 397 -8.35 -16.27 0.66
N THR A 398 -9.49 -15.63 0.33
CA THR A 398 -9.75 -15.22 -1.06
C THR A 398 -9.30 -13.77 -1.32
N ARG A 399 -8.87 -13.06 -0.25
CA ARG A 399 -8.44 -11.65 -0.36
C ARG A 399 -6.96 -11.48 -0.07
N PHE A 400 -6.48 -12.02 1.07
CA PHE A 400 -5.08 -11.91 1.45
C PHE A 400 -4.33 -13.18 1.03
N ILE A 401 -3.66 -13.13 -0.16
CA ILE A 401 -2.88 -14.24 -0.72
C ILE A 401 -1.44 -13.72 -0.86
N PRO A 402 -0.47 -14.27 -0.10
CA PRO A 402 0.92 -13.78 -0.19
C PRO A 402 1.39 -13.68 -1.64
N ARG A 403 2.11 -12.60 -1.98
CA ARG A 403 2.61 -12.35 -3.33
C ARG A 403 3.33 -13.56 -3.91
N TYR A 404 4.17 -14.23 -3.09
CA TYR A 404 4.88 -15.42 -3.58
C TYR A 404 3.88 -16.47 -4.09
N SER A 405 2.76 -16.67 -3.36
CA SER A 405 1.71 -17.64 -3.77
C SER A 405 0.98 -17.21 -5.03
N MET A 406 0.66 -15.92 -5.14
CA MET A 406 -0.02 -15.41 -6.34
C MET A 406 0.88 -15.62 -7.59
N VAL A 407 2.18 -15.39 -7.45
CA VAL A 407 3.12 -15.52 -8.56
C VAL A 407 3.32 -17.02 -8.91
N THR A 408 3.54 -17.82 -7.90
CA THR A 408 3.94 -19.21 -8.06
C THR A 408 2.79 -20.20 -8.27
N PHE A 409 1.70 -20.05 -7.51
CA PHE A 409 0.62 -21.05 -7.52
C PHE A 409 -0.65 -20.60 -8.19
N SER A 410 -0.67 -19.41 -8.77
CA SER A 410 -1.87 -18.94 -9.47
C SER A 410 -1.52 -18.46 -10.87
N ARG A 411 -2.55 -18.21 -11.68
CA ARG A 411 -2.38 -17.67 -13.04
C ARG A 411 -2.85 -16.21 -13.11
N LEU A 412 -3.00 -15.57 -11.94
CA LEU A 412 -3.37 -14.17 -11.90
C LEU A 412 -2.32 -13.37 -12.73
N PRO A 413 -2.73 -12.43 -13.61
CA PRO A 413 -1.72 -11.68 -14.38
C PRO A 413 -0.64 -11.13 -13.44
N TYR A 414 0.66 -11.28 -13.82
CA TYR A 414 1.76 -10.82 -12.95
C TYR A 414 1.56 -9.38 -12.42
N ALA A 415 1.07 -8.46 -13.27
CA ALA A 415 0.85 -7.06 -12.88
C ALA A 415 -0.20 -6.96 -11.75
N GLN A 416 -1.21 -7.85 -11.77
CA GLN A 416 -2.25 -7.88 -10.72
C GLN A 416 -1.66 -8.47 -9.43
N ALA A 417 -0.85 -9.55 -9.55
CA ALA A 417 -0.17 -10.16 -8.39
C ALA A 417 0.75 -9.09 -7.74
N MET A 418 1.46 -8.31 -8.57
CA MET A 418 2.32 -7.27 -8.03
C MET A 418 1.53 -6.16 -7.32
N ALA A 419 0.46 -5.66 -7.96
CA ALA A 419 -0.39 -4.59 -7.39
C ALA A 419 -1.03 -5.04 -6.06
N ARG A 420 -1.60 -6.26 -6.01
CA ARG A 420 -2.18 -6.80 -4.77
C ARG A 420 -1.10 -7.04 -3.71
N GLY A 421 0.07 -7.51 -4.15
CA GLY A 421 1.19 -7.72 -3.23
C GLY A 421 1.64 -6.45 -2.54
N GLN A 422 1.67 -5.34 -3.30
CA GLN A 422 2.07 -4.04 -2.79
C GLN A 422 1.06 -3.53 -1.73
N ILE A 423 -0.26 -3.71 -1.97
CA ILE A 423 -1.31 -3.33 -1.01
C ILE A 423 -1.10 -4.11 0.27
N GLN A 424 -0.86 -5.43 0.15
CA GLN A 424 -0.63 -6.31 1.28
C GLN A 424 0.60 -5.92 2.08
N GLU A 425 1.71 -5.63 1.37
CA GLU A 425 2.99 -5.24 2.02
C GLU A 425 2.81 -3.93 2.81
N GLN A 426 2.07 -2.96 2.24
CA GLN A 426 1.79 -1.68 2.88
C GLN A 426 0.92 -1.83 4.12
N LEU A 427 -0.14 -2.67 4.06
CA LEU A 427 -1.04 -2.89 5.20
C LEU A 427 -0.26 -3.51 6.33
N LEU A 428 0.58 -4.56 6.02
CA LEU A 428 1.38 -5.23 7.04
C LEU A 428 2.38 -4.29 7.68
N LYS A 429 3.11 -3.50 6.88
CA LYS A 429 4.11 -2.54 7.32
C LYS A 429 3.45 -1.51 8.26
N PHE A 430 2.29 -0.97 7.84
CA PHE A 430 1.59 0.02 8.63
C PHE A 430 1.09 -0.56 9.94
N ALA A 431 0.40 -1.72 9.88
CA ALA A 431 -0.17 -2.41 11.05
C ALA A 431 0.80 -2.74 12.14
N VAL A 432 2.01 -3.21 11.79
CA VAL A 432 3.02 -3.60 12.77
C VAL A 432 3.84 -2.40 13.30
N ALA A 433 3.88 -1.27 12.56
CA ALA A 433 4.61 -0.06 12.96
C ALA A 433 4.04 0.51 14.28
N ASN A 434 4.94 0.87 15.24
CA ASN A 434 4.62 1.37 16.60
C ASN A 434 4.05 0.25 17.49
N HIS A 435 4.32 -1.02 17.12
CA HIS A 435 3.88 -2.19 17.90
C HIS A 435 5.02 -3.15 18.15
N SER A 436 5.16 -3.61 19.42
CA SER A 436 6.19 -4.55 19.85
C SER A 436 5.80 -5.99 19.50
N ASP A 437 4.50 -6.33 19.63
CA ASP A 437 3.96 -7.65 19.35
C ASP A 437 2.52 -7.59 18.79
N LEU A 438 2.00 -8.76 18.41
CA LEU A 438 0.67 -8.95 17.82
C LEU A 438 -0.50 -8.62 18.76
N THR A 439 -0.30 -8.74 20.10
CA THR A 439 -1.33 -8.48 21.12
C THR A 439 -1.83 -7.02 21.17
N SER A 440 -0.98 -6.07 20.75
CA SER A 440 -1.32 -4.64 20.74
C SER A 440 -1.99 -4.24 19.40
N ILE A 441 -2.03 -5.17 18.43
CA ILE A 441 -2.63 -4.95 17.10
C ILE A 441 -4.13 -5.33 17.09
N ASN A 442 -4.99 -4.41 16.60
CA ASN A 442 -6.43 -4.66 16.46
C ASN A 442 -6.59 -5.42 15.13
N LEU A 443 -6.73 -6.75 15.22
CA LEU A 443 -6.84 -7.65 14.07
C LEU A 443 -8.04 -7.36 13.17
N ASP A 444 -9.20 -7.00 13.77
CA ASP A 444 -10.40 -6.67 13.02
C ASP A 444 -10.19 -5.40 12.19
N ALA A 445 -9.47 -4.39 12.73
CA ALA A 445 -9.18 -3.16 12.00
C ALA A 445 -8.29 -3.45 10.76
N VAL A 446 -7.26 -4.32 10.91
CA VAL A 446 -6.39 -4.73 9.78
C VAL A 446 -7.26 -5.49 8.76
N GLU A 447 -8.12 -6.42 9.27
CA GLU A 447 -9.05 -7.20 8.45
C GLU A 447 -9.99 -6.27 7.66
N HIS A 448 -10.41 -5.14 8.29
CA HIS A 448 -11.29 -4.13 7.67
C HIS A 448 -10.55 -3.48 6.49
N GLU A 449 -9.24 -3.24 6.64
CA GLU A 449 -8.44 -2.70 5.54
C GLU A 449 -8.32 -3.75 4.43
N VAL A 450 -8.20 -5.03 4.81
CA VAL A 450 -8.11 -6.13 3.84
C VAL A 450 -9.39 -6.19 2.99
N THR A 451 -10.59 -6.20 3.65
CA THR A 451 -11.89 -6.21 2.96
C THR A 451 -12.10 -4.94 2.14
N ARG A 452 -11.57 -3.81 2.61
CA ARG A 452 -11.71 -2.52 1.94
C ARG A 452 -10.86 -2.41 0.67
N CYS A 453 -9.59 -2.89 0.72
CA CYS A 453 -8.60 -2.71 -0.35
C CYS A 453 -8.38 -3.93 -1.26
N LEU A 454 -8.81 -5.13 -0.85
CA LEU A 454 -8.57 -6.33 -1.64
C LEU A 454 -9.85 -7.07 -2.05
N PRO A 455 -10.30 -6.94 -3.34
CA PRO A 455 -11.49 -7.69 -3.78
C PRO A 455 -11.25 -9.19 -3.72
N PRO A 456 -12.27 -10.03 -3.39
CA PRO A 456 -12.03 -11.48 -3.33
C PRO A 456 -11.73 -12.06 -4.70
N LEU A 457 -10.89 -13.11 -4.74
CA LEU A 457 -10.47 -13.81 -5.95
C LEU A 457 -11.03 -15.23 -5.95
N ALA B 7 18.27 28.91 27.77
CA ALA B 7 16.89 28.57 27.45
C ALA B 7 16.80 27.74 26.17
N ARG B 8 16.00 26.67 26.21
CA ARG B 8 15.78 25.79 25.05
C ARG B 8 15.04 26.55 23.95
N GLN B 9 15.43 26.30 22.70
CA GLN B 9 14.89 27.03 21.55
C GLN B 9 13.98 26.16 20.70
N VAL B 10 12.97 26.78 20.10
CA VAL B 10 12.03 26.11 19.24
C VAL B 10 11.46 27.05 18.19
N THR B 11 11.30 26.52 16.99
CA THR B 11 10.72 27.20 15.82
C THR B 11 9.41 26.47 15.51
N ILE B 12 8.32 27.21 15.47
CA ILE B 12 7.05 26.59 15.17
C ILE B 12 6.55 27.13 13.83
N ILE B 13 6.09 26.23 12.96
CA ILE B 13 5.48 26.62 11.70
C ILE B 13 3.99 26.48 11.78
N GLY B 14 3.30 27.61 11.65
CA GLY B 14 1.84 27.62 11.67
C GLY B 14 1.27 28.13 12.97
N ALA B 15 0.74 29.36 12.94
CA ALA B 15 0.11 29.96 14.10
C ALA B 15 -1.40 29.69 14.05
N GLY B 16 -1.76 28.42 13.88
CA GLY B 16 -3.14 27.95 13.89
C GLY B 16 -3.49 27.57 15.32
N LEU B 17 -4.34 26.58 15.50
CA LEU B 17 -4.79 26.22 16.83
C LEU B 17 -3.75 25.45 17.65
N ALA B 18 -3.17 24.40 17.07
CA ALA B 18 -2.12 23.64 17.78
C ALA B 18 -0.84 24.48 17.96
N GLY B 19 -0.43 25.18 16.89
CA GLY B 19 0.82 25.95 16.90
C GLY B 19 0.88 27.03 17.98
N THR B 20 -0.20 27.78 18.12
CA THR B 20 -0.26 28.88 19.09
C THR B 20 -0.38 28.34 20.49
N LEU B 21 -1.14 27.23 20.67
CA LEU B 21 -1.23 26.65 22.01
C LEU B 21 0.13 26.12 22.48
N VAL B 22 0.82 25.34 21.63
CA VAL B 22 2.12 24.82 22.02
C VAL B 22 3.11 26.00 22.27
N ALA B 23 3.02 27.10 21.46
CA ALA B 23 3.86 28.28 21.63
C ALA B 23 3.66 28.87 23.04
N ARG B 24 2.39 29.01 23.49
CA ARG B 24 2.11 29.54 24.83
C ARG B 24 2.66 28.64 25.94
N LEU B 25 2.40 27.33 25.84
CA LEU B 25 2.83 26.37 26.85
C LEU B 25 4.33 26.34 26.99
N LEU B 26 5.03 26.37 25.86
CA LEU B 26 6.50 26.34 25.87
C LEU B 26 7.08 27.69 26.35
N ALA B 27 6.55 28.83 25.82
CA ALA B 27 7.05 30.16 26.19
C ALA B 27 6.89 30.42 27.69
N ARG B 28 5.76 30.01 28.28
CA ARG B 28 5.56 30.24 29.70
C ARG B 28 6.50 29.37 30.57
N ASN B 29 7.04 28.29 30.00
CA ASN B 29 8.04 27.45 30.65
C ASN B 29 9.46 27.94 30.38
N GLY B 30 9.60 29.14 29.81
CA GLY B 30 10.89 29.77 29.54
C GLY B 30 11.60 29.40 28.24
N TRP B 31 10.93 28.68 27.32
CA TRP B 31 11.54 28.35 26.03
C TRP B 31 11.59 29.63 25.19
N GLN B 32 12.60 29.73 24.32
CA GLN B 32 12.68 30.82 23.36
C GLN B 32 11.87 30.32 22.16
N VAL B 33 10.71 30.93 21.94
CA VAL B 33 9.78 30.49 20.92
C VAL B 33 9.62 31.49 19.78
N ASN B 34 9.86 31.02 18.54
CA ASN B 34 9.58 31.82 17.33
C ASN B 34 8.57 31.06 16.49
N LEU B 35 7.46 31.72 16.16
CA LEU B 35 6.38 31.13 15.44
C LEU B 35 6.25 31.84 14.09
N PHE B 36 6.30 31.08 12.98
CA PHE B 36 6.17 31.60 11.61
C PHE B 36 4.83 31.23 11.01
N GLU B 37 4.14 32.22 10.44
CA GLU B 37 2.81 32.01 9.91
C GLU B 37 2.74 32.63 8.55
N ARG B 38 2.19 31.89 7.57
CA ARG B 38 2.07 32.35 6.19
C ARG B 38 1.07 33.51 6.04
N ARG B 39 -0.06 33.41 6.74
CA ARG B 39 -1.13 34.40 6.64
C ARG B 39 -0.76 35.72 7.33
N PRO B 40 -1.51 36.83 7.06
CA PRO B 40 -1.30 38.06 7.85
C PRO B 40 -1.87 37.84 9.26
N ASP B 41 -1.53 38.75 10.17
CA ASP B 41 -2.07 38.72 11.54
C ASP B 41 -3.57 39.07 11.47
N PRO B 42 -4.49 38.13 11.85
CA PRO B 42 -5.94 38.43 11.81
C PRO B 42 -6.35 39.51 12.81
N ARG B 43 -5.49 39.81 13.80
CA ARG B 43 -5.78 40.87 14.79
C ARG B 43 -5.61 42.27 14.15
N ILE B 44 -4.91 42.35 13.00
CA ILE B 44 -4.74 43.63 12.28
C ILE B 44 -5.96 43.83 11.41
N GLU B 45 -6.86 44.72 11.84
CA GLU B 45 -8.09 44.98 11.11
C GLU B 45 -7.84 45.63 9.74
N THR B 46 -8.49 45.05 8.69
CA THR B 46 -8.40 45.52 7.31
C THR B 46 -9.83 45.74 6.81
N GLY B 47 -9.99 46.12 5.55
CA GLY B 47 -11.31 46.30 4.96
C GLY B 47 -11.83 45.03 4.29
N ALA B 48 -11.10 43.91 4.42
CA ALA B 48 -11.42 42.61 3.81
C ALA B 48 -12.60 41.94 4.48
N ARG B 49 -13.34 41.12 3.70
CA ARG B 49 -14.51 40.34 4.12
C ARG B 49 -14.31 38.89 3.61
N GLY B 50 -14.42 37.92 4.51
CA GLY B 50 -14.24 36.51 4.16
C GLY B 50 -14.84 35.50 5.12
N ARG B 51 -14.62 34.21 4.80
CA ARG B 51 -15.10 33.05 5.56
C ARG B 51 -14.55 33.01 7.00
N SER B 52 -15.43 32.75 7.99
CA SER B 52 -15.06 32.55 9.41
C SER B 52 -16.08 31.58 10.02
N ILE B 53 -15.77 30.27 10.02
CA ILE B 53 -16.72 29.28 10.56
C ILE B 53 -16.55 29.11 12.07
N ASN B 54 -17.55 28.54 12.71
CA ASN B 54 -17.53 28.17 14.11
C ASN B 54 -17.15 26.70 14.23
N LEU B 55 -16.56 26.33 15.38
CA LEU B 55 -16.14 24.95 15.63
C LEU B 55 -16.81 24.47 16.91
N ALA B 56 -17.01 23.15 17.03
CA ALA B 56 -17.55 22.52 18.24
C ALA B 56 -16.36 22.22 19.17
N LEU B 57 -16.34 22.91 20.32
CA LEU B 57 -15.29 22.79 21.33
C LEU B 57 -15.86 21.90 22.41
N ALA B 58 -15.18 20.78 22.65
CA ALA B 58 -15.63 19.80 23.64
C ALA B 58 -14.61 19.69 24.79
N GLU B 59 -14.82 18.73 25.73
CA GLU B 59 -13.97 18.62 26.93
C GLU B 59 -12.45 18.57 26.63
N ARG B 60 -12.00 17.84 25.58
CA ARG B 60 -10.56 17.75 25.28
C ARG B 60 -9.95 19.11 24.96
N GLY B 61 -10.60 19.86 24.07
CA GLY B 61 -10.12 21.19 23.71
C GLY B 61 -10.26 22.16 24.89
N ALA B 62 -11.40 22.12 25.60
CA ALA B 62 -11.66 23.02 26.74
C ALA B 62 -10.64 22.81 27.86
N HIS B 63 -10.34 21.53 28.16
CA HIS B 63 -9.33 21.20 29.17
C HIS B 63 -7.93 21.70 28.74
N ALA B 64 -7.57 21.55 27.44
CA ALA B 64 -6.27 22.04 26.95
C ALA B 64 -6.21 23.58 27.17
N LEU B 65 -7.32 24.29 26.85
CA LEU B 65 -7.38 25.73 27.08
C LEU B 65 -7.32 26.08 28.59
N ARG B 66 -7.96 25.26 29.44
CA ARG B 66 -7.99 25.39 30.90
C ARG B 66 -6.55 25.29 31.44
N LEU B 67 -5.77 24.29 30.97
CA LEU B 67 -4.37 24.14 31.36
C LEU B 67 -3.54 25.38 30.96
N ALA B 68 -3.86 26.00 29.82
CA ALA B 68 -3.19 27.19 29.30
C ALA B 68 -3.65 28.52 29.96
N GLY B 69 -4.71 28.47 30.76
CA GLY B 69 -5.27 29.63 31.45
C GLY B 69 -6.12 30.50 30.52
N LEU B 70 -6.61 29.90 29.42
CA LEU B 70 -7.39 30.64 28.41
C LEU B 70 -8.86 30.24 28.29
N GLU B 71 -9.31 29.23 29.04
CA GLU B 71 -10.66 28.71 28.90
C GLU B 71 -11.76 29.77 29.15
N ARG B 72 -11.67 30.54 30.24
CA ARG B 72 -12.68 31.57 30.57
C ARG B 72 -12.83 32.58 29.43
N GLU B 73 -11.71 33.08 28.89
CA GLU B 73 -11.73 34.04 27.79
C GLU B 73 -12.41 33.47 26.52
N VAL B 74 -12.10 32.21 26.19
CA VAL B 74 -12.69 31.55 25.01
C VAL B 74 -14.19 31.30 25.22
N LEU B 75 -14.56 30.74 26.39
CA LEU B 75 -15.98 30.42 26.68
C LEU B 75 -16.89 31.65 26.73
N ALA B 76 -16.32 32.81 27.10
CA ALA B 76 -17.08 34.08 27.14
C ALA B 76 -17.60 34.42 25.72
N GLU B 77 -16.94 33.89 24.68
CA GLU B 77 -17.33 34.13 23.28
C GLU B 77 -17.96 32.88 22.64
N ALA B 78 -18.41 31.90 23.42
CA ALA B 78 -18.93 30.65 22.88
C ALA B 78 -20.42 30.42 23.18
N VAL B 79 -21.17 29.82 22.24
CA VAL B 79 -22.59 29.50 22.41
C VAL B 79 -22.67 28.12 23.02
N MET B 80 -23.43 27.99 24.11
CA MET B 80 -23.63 26.70 24.78
C MET B 80 -24.54 25.80 23.96
N MET B 81 -24.12 24.56 23.70
CA MET B 81 -24.99 23.62 23.01
C MET B 81 -25.27 22.53 24.02
N ARG B 82 -26.49 22.54 24.56
CA ARG B 82 -26.96 21.66 25.64
C ARG B 82 -27.36 20.27 25.17
N GLY B 83 -27.58 20.13 23.87
CA GLY B 83 -27.98 18.85 23.30
C GLY B 83 -27.96 18.85 21.78
N ARG B 84 -28.28 17.70 21.20
CA ARG B 84 -28.34 17.54 19.75
C ARG B 84 -29.80 17.63 19.32
N MET B 85 -30.13 18.58 18.43
CA MET B 85 -31.47 18.68 17.92
C MET B 85 -31.52 17.90 16.60
N VAL B 86 -32.21 16.74 16.59
CA VAL B 86 -32.32 15.87 15.42
C VAL B 86 -33.58 16.21 14.64
N HIS B 87 -33.43 16.51 13.36
CA HIS B 87 -34.53 16.88 12.47
C HIS B 87 -34.81 15.69 11.55
N VAL B 88 -35.67 14.77 12.02
CA VAL B 88 -35.99 13.58 11.22
C VAL B 88 -37.35 13.83 10.56
N PRO B 89 -37.44 13.75 9.21
CA PRO B 89 -38.74 14.01 8.54
C PRO B 89 -39.83 13.08 9.06
N GLY B 90 -41.01 13.65 9.29
CA GLY B 90 -42.15 12.93 9.82
C GLY B 90 -42.42 13.19 11.28
N THR B 91 -41.44 13.75 12.01
CA THR B 91 -41.61 14.05 13.44
C THR B 91 -41.12 15.47 13.71
N PRO B 92 -41.57 16.17 14.77
CA PRO B 92 -40.99 17.48 15.10
C PRO B 92 -39.53 17.31 15.51
N PRO B 93 -38.67 18.37 15.46
CA PRO B 93 -37.27 18.19 15.88
C PRO B 93 -37.17 17.67 17.31
N ASN B 94 -36.26 16.71 17.50
CA ASN B 94 -36.08 16.04 18.77
C ASN B 94 -34.75 16.40 19.44
N LEU B 95 -34.84 16.99 20.65
CA LEU B 95 -33.66 17.37 21.43
C LEU B 95 -33.16 16.24 22.31
N GLN B 96 -31.93 15.82 22.07
CA GLN B 96 -31.25 14.78 22.82
C GLN B 96 -30.23 15.48 23.75
N PRO B 97 -30.56 15.72 25.05
CA PRO B 97 -29.61 16.40 25.94
C PRO B 97 -28.30 15.64 26.06
N TYR B 98 -27.18 16.38 26.14
CA TYR B 98 -25.86 15.77 26.27
C TYR B 98 -25.64 15.07 27.62
N GLY B 99 -26.21 15.62 28.69
CA GLY B 99 -26.09 14.96 29.98
C GLY B 99 -26.40 15.82 31.18
N ARG B 100 -25.52 15.69 32.21
CA ARG B 100 -25.56 16.38 33.51
C ARG B 100 -25.72 17.89 33.35
N ASP B 101 -26.99 18.37 33.42
CA ASP B 101 -27.46 19.76 33.30
C ASP B 101 -26.57 20.59 32.35
N ASP B 102 -26.01 21.72 32.81
CA ASP B 102 -25.15 22.57 31.98
C ASP B 102 -23.65 22.36 32.25
N SER B 103 -23.29 21.12 32.67
CA SER B 103 -21.90 20.70 32.91
C SER B 103 -21.40 19.93 31.67
N GLU B 104 -22.25 19.01 31.11
CA GLU B 104 -21.97 18.28 29.86
C GLU B 104 -22.65 19.02 28.69
N VAL B 105 -21.86 19.86 28.05
CA VAL B 105 -22.27 20.72 26.94
C VAL B 105 -21.13 20.75 25.93
N ILE B 106 -21.45 21.18 24.71
CA ILE B 106 -20.46 21.39 23.67
C ILE B 106 -20.57 22.89 23.39
N TRP B 107 -19.47 23.55 23.08
CA TRP B 107 -19.45 24.99 22.84
C TRP B 107 -19.24 25.30 21.38
N SER B 108 -20.03 26.23 20.85
CA SER B 108 -19.82 26.67 19.46
C SER B 108 -18.95 27.96 19.50
N ILE B 109 -17.68 27.86 19.02
CA ILE B 109 -16.76 29.02 19.05
C ILE B 109 -16.32 29.42 17.64
N ASN B 110 -16.31 30.73 17.37
CA ASN B 110 -15.83 31.24 16.09
C ASN B 110 -14.32 30.96 15.98
N ARG B 111 -13.90 30.29 14.90
CA ARG B 111 -12.48 29.93 14.76
C ARG B 111 -11.54 31.16 14.80
N ASP B 112 -11.91 32.24 14.11
CA ASP B 112 -11.11 33.45 14.07
C ASP B 112 -10.95 34.04 15.49
N ARG B 113 -12.05 34.09 16.26
CA ARG B 113 -12.00 34.61 17.65
C ARG B 113 -11.09 33.75 18.50
N LEU B 114 -11.24 32.43 18.39
CA LEU B 114 -10.39 31.49 19.12
C LEU B 114 -8.92 31.72 18.75
N ASN B 115 -8.62 31.85 17.44
CA ASN B 115 -7.25 32.03 16.98
C ASN B 115 -6.63 33.33 17.50
N ARG B 116 -7.42 34.41 17.56
CA ARG B 116 -6.98 35.69 18.09
C ARG B 116 -6.65 35.61 19.57
N ILE B 117 -7.50 34.93 20.34
CA ILE B 117 -7.29 34.71 21.79
C ILE B 117 -5.99 33.93 21.98
N LEU B 118 -5.78 32.89 21.16
CA LEU B 118 -4.58 32.07 21.22
C LEU B 118 -3.34 32.87 20.88
N LEU B 119 -3.39 33.72 19.82
CA LEU B 119 -2.26 34.58 19.43
C LEU B 119 -1.88 35.51 20.59
N ASP B 120 -2.87 36.18 21.19
CA ASP B 120 -2.64 37.06 22.36
C ASP B 120 -1.99 36.27 23.50
N GLY B 121 -2.51 35.06 23.76
CA GLY B 121 -1.97 34.19 24.82
C GLY B 121 -0.53 33.77 24.58
N ALA B 122 -0.17 33.44 23.33
CA ALA B 122 1.22 33.03 23.02
C ALA B 122 2.17 34.24 23.21
N GLU B 123 1.76 35.42 22.76
CA GLU B 123 2.58 36.64 22.93
C GLU B 123 2.71 37.06 24.41
N ALA B 124 1.61 36.95 25.20
CA ALA B 124 1.64 37.26 26.64
C ALA B 124 2.66 36.36 27.36
N ALA B 125 2.80 35.11 26.88
CA ALA B 125 3.73 34.14 27.47
C ALA B 125 5.19 34.39 27.05
N GLY B 126 5.39 35.23 26.04
CA GLY B 126 6.73 35.58 25.56
C GLY B 126 7.13 35.04 24.20
N ALA B 127 6.22 34.34 23.48
CA ALA B 127 6.56 33.84 22.14
C ALA B 127 6.59 35.02 21.17
N SER B 128 7.43 34.92 20.12
CA SER B 128 7.46 35.93 19.06
C SER B 128 6.77 35.32 17.84
N ILE B 129 5.81 36.03 17.28
CA ILE B 129 5.05 35.55 16.12
C ILE B 129 5.36 36.42 14.90
N HIS B 130 5.76 35.76 13.80
CA HIS B 130 6.17 36.40 12.55
C HIS B 130 5.21 36.01 11.47
N PHE B 131 4.38 36.95 11.05
CA PHE B 131 3.37 36.69 10.05
C PHE B 131 3.89 36.98 8.65
N ASN B 132 3.07 36.60 7.63
CA ASN B 132 3.38 36.84 6.21
C ASN B 132 4.66 36.15 5.77
N LEU B 133 4.98 35.00 6.42
CA LEU B 133 6.18 34.22 6.11
C LEU B 133 5.79 32.74 6.06
N GLY B 134 5.75 32.20 4.84
CA GLY B 134 5.38 30.82 4.59
C GLY B 134 6.60 29.95 4.48
N LEU B 135 6.59 28.78 5.16
CA LEU B 135 7.72 27.86 5.02
C LEU B 135 7.72 27.28 3.59
N ASP B 136 8.87 27.35 2.89
CA ASP B 136 9.01 26.77 1.56
C ASP B 136 9.77 25.46 1.55
N SER B 137 10.84 25.37 2.34
CA SER B 137 11.71 24.19 2.34
C SER B 137 12.52 24.13 3.61
N VAL B 138 13.08 22.96 3.89
CA VAL B 138 13.91 22.71 5.07
C VAL B 138 15.13 21.94 4.62
N ASP B 139 16.31 22.36 5.10
CA ASP B 139 17.54 21.64 4.88
C ASP B 139 17.86 21.02 6.23
N PHE B 140 17.48 19.77 6.42
CA PHE B 140 17.71 19.09 7.70
C PHE B 140 19.17 18.90 8.04
N ALA B 141 20.02 18.63 7.03
CA ALA B 141 21.46 18.42 7.23
C ALA B 141 22.13 19.69 7.78
N ARG B 142 21.79 20.85 7.21
CA ARG B 142 22.34 22.13 7.63
C ARG B 142 21.52 22.80 8.73
N GLN B 143 20.34 22.23 9.10
CA GLN B 143 19.42 22.75 10.13
C GLN B 143 19.05 24.19 9.78
N ARG B 144 18.62 24.37 8.52
CA ARG B 144 18.24 25.67 8.00
C ARG B 144 16.91 25.52 7.33
N LEU B 145 16.12 26.57 7.29
CA LEU B 145 14.84 26.55 6.59
C LEU B 145 14.72 27.80 5.74
N THR B 146 13.84 27.75 4.75
CA THR B 146 13.62 28.86 3.84
C THR B 146 12.17 29.23 3.96
N LEU B 147 11.92 30.51 4.18
CA LEU B 147 10.60 31.12 4.26
C LEU B 147 10.47 32.16 3.15
N SER B 148 9.24 32.50 2.78
CA SER B 148 9.04 33.58 1.83
C SER B 148 7.73 34.29 2.07
N ASN B 149 7.65 35.57 1.68
CA ASN B 149 6.39 36.34 1.69
C ASN B 149 5.60 35.99 0.41
N VAL B 150 4.37 36.53 0.23
CA VAL B 150 3.51 36.26 -0.94
C VAL B 150 4.22 36.65 -2.29
N SER B 151 5.08 37.69 -2.26
CA SER B 151 5.88 38.19 -3.39
C SER B 151 7.07 37.27 -3.76
N GLY B 152 7.26 36.18 -3.01
CA GLY B 152 8.31 35.21 -3.26
C GLY B 152 9.71 35.60 -2.81
N GLU B 153 9.84 36.72 -2.07
CA GLU B 153 11.13 37.17 -1.52
C GLU B 153 11.50 36.20 -0.38
N ARG B 154 12.67 35.54 -0.51
CA ARG B 154 13.10 34.52 0.44
C ARG B 154 13.91 35.01 1.63
N LEU B 155 13.79 34.26 2.74
CA LEU B 155 14.46 34.52 4.00
C LEU B 155 14.90 33.16 4.58
N GLU B 156 16.20 33.00 4.86
CA GLU B 156 16.71 31.77 5.46
C GLU B 156 16.90 31.94 6.96
N LYS B 157 16.62 30.88 7.73
CA LYS B 157 16.73 30.87 9.18
C LYS B 157 17.32 29.58 9.64
N ARG B 158 18.18 29.66 10.66
CA ARG B 158 18.71 28.47 11.29
C ARG B 158 17.60 28.01 12.29
N PHE B 159 17.52 26.69 12.55
CA PHE B 159 16.57 26.19 13.55
C PHE B 159 17.25 25.09 14.37
N HIS B 160 16.78 24.89 15.60
CA HIS B 160 17.28 23.87 16.52
CA HIS B 160 17.29 23.85 16.50
C HIS B 160 16.24 22.74 16.65
N LEU B 161 14.97 23.11 16.83
CA LEU B 161 13.84 22.18 16.92
C LEU B 161 12.73 22.78 16.07
N LEU B 162 12.17 21.98 15.19
CA LEU B 162 11.11 22.44 14.29
C LEU B 162 9.80 21.75 14.57
N ILE B 163 8.76 22.53 14.84
CA ILE B 163 7.41 21.97 15.08
C ILE B 163 6.53 22.33 13.88
N GLY B 164 5.99 21.31 13.21
CA GLY B 164 5.09 21.49 12.08
C GLY B 164 3.67 21.50 12.60
N ALA B 165 3.11 22.70 12.81
CA ALA B 165 1.74 22.90 13.26
C ALA B 165 1.03 23.62 12.09
N ASP B 166 1.40 23.23 10.88
CA ASP B 166 1.02 23.95 9.67
C ASP B 166 -0.15 23.33 8.86
N GLY B 167 -1.02 22.59 9.53
CA GLY B 167 -2.28 22.15 8.92
C GLY B 167 -2.23 20.99 7.96
N CYS B 168 -3.41 20.67 7.36
CA CYS B 168 -3.56 19.47 6.53
CA CYS B 168 -3.59 19.52 6.47
C CYS B 168 -2.60 19.40 5.33
N ASN B 169 -2.17 20.54 4.77
CA ASN B 169 -1.25 20.58 3.63
C ASN B 169 0.13 21.02 4.08
N SER B 170 0.51 20.56 5.28
CA SER B 170 1.78 20.86 5.96
C SER B 170 2.99 20.89 5.03
N ALA B 171 3.70 22.03 5.03
CA ALA B 171 4.98 22.16 4.33
C ALA B 171 6.07 21.42 5.13
N VAL B 172 5.98 21.43 6.49
CA VAL B 172 6.97 20.69 7.30
C VAL B 172 6.90 19.19 6.94
N ARG B 173 5.67 18.64 6.85
CA ARG B 173 5.49 17.20 6.50
C ARG B 173 6.09 16.91 5.13
N GLN B 174 5.85 17.79 4.16
CA GLN B 174 6.42 17.64 2.81
C GLN B 174 7.96 17.67 2.86
N ALA B 175 8.55 18.56 3.67
CA ALA B 175 10.02 18.63 3.80
C ALA B 175 10.58 17.37 4.46
N MET B 176 9.88 16.84 5.50
CA MET B 176 10.29 15.61 6.18
C MET B 176 10.29 14.40 5.23
N ALA B 177 9.34 14.35 4.27
CA ALA B 177 9.21 13.24 3.29
C ALA B 177 10.43 13.10 2.39
N SER B 178 11.27 14.11 2.37
CA SER B 178 12.50 14.09 1.60
C SER B 178 13.68 13.43 2.33
N VAL B 179 13.62 13.36 3.68
CA VAL B 179 14.68 12.76 4.50
C VAL B 179 14.26 11.42 5.13
N VAL B 180 12.95 11.20 5.29
CA VAL B 180 12.44 9.97 5.90
C VAL B 180 11.19 9.53 5.13
N ASP B 181 10.95 8.20 5.09
CA ASP B 181 9.73 7.67 4.48
C ASP B 181 8.71 7.81 5.62
N LEU B 182 7.71 8.66 5.43
CA LEU B 182 6.71 8.86 6.49
C LEU B 182 5.64 7.75 6.55
N GLY B 183 5.65 6.86 5.57
CA GLY B 183 4.73 5.73 5.47
C GLY B 183 3.30 6.24 5.45
N GLU B 184 3.05 7.26 4.60
CA GLU B 184 1.76 7.95 4.45
C GLU B 184 0.79 7.12 3.65
N HIS B 185 -0.48 7.18 4.05
CA HIS B 185 -1.58 6.50 3.41
C HIS B 185 -2.78 7.41 3.45
N LEU B 186 -3.21 7.84 2.26
CA LEU B 186 -4.35 8.73 2.07
C LEU B 186 -5.61 7.90 1.78
N GLU B 187 -6.68 8.19 2.52
CA GLU B 187 -7.97 7.56 2.33
C GLU B 187 -8.89 8.70 1.95
N THR B 188 -9.24 8.75 0.66
CA THR B 188 -10.12 9.83 0.16
C THR B 188 -11.52 9.57 0.69
N GLN B 189 -12.30 10.63 0.76
CA GLN B 189 -13.65 10.50 1.25
C GLN B 189 -14.63 10.93 0.13
N PRO B 190 -15.68 10.14 -0.17
CA PRO B 190 -16.57 10.51 -1.31
C PRO B 190 -17.42 11.77 -1.13
N HIS B 191 -17.65 12.20 0.12
CA HIS B 191 -18.45 13.41 0.36
C HIS B 191 -17.65 14.68 0.22
N GLY B 192 -18.24 15.62 -0.49
CA GLY B 192 -17.79 17.00 -0.52
C GLY B 192 -18.62 17.74 0.52
N TYR B 193 -18.33 19.03 0.74
CA TYR B 193 -19.16 19.84 1.64
C TYR B 193 -19.37 21.24 1.09
N LYS B 194 -20.50 21.84 1.47
CA LYS B 194 -20.82 23.20 1.07
C LYS B 194 -21.38 23.91 2.31
N GLU B 195 -20.93 25.14 2.56
CA GLU B 195 -21.40 25.95 3.69
C GLU B 195 -22.45 26.92 3.22
N LEU B 196 -23.59 26.95 3.94
CA LEU B 196 -24.74 27.78 3.67
C LEU B 196 -25.10 28.56 4.93
N GLN B 197 -25.78 29.68 4.78
CA GLN B 197 -26.03 30.51 5.94
C GLN B 197 -27.49 30.64 6.28
N ILE B 198 -27.77 30.72 7.58
CA ILE B 198 -29.10 31.05 8.10
C ILE B 198 -28.83 32.37 8.83
N THR B 199 -29.54 33.43 8.46
CA THR B 199 -29.38 34.74 9.09
C THR B 199 -30.01 34.72 10.53
N PRO B 200 -29.68 35.72 11.39
CA PRO B 200 -30.34 35.81 12.72
C PRO B 200 -31.86 36.02 12.59
N GLU B 201 -32.32 36.81 11.59
CA GLU B 201 -33.77 37.03 11.37
C GLU B 201 -34.48 35.71 11.02
N ALA B 202 -33.87 34.90 10.11
CA ALA B 202 -34.47 33.64 9.63
C ALA B 202 -34.49 32.60 10.74
N SER B 203 -33.38 32.43 11.50
CA SER B 203 -33.36 31.46 12.59
C SER B 203 -34.43 31.83 13.66
N ALA B 204 -34.59 33.14 13.99
CA ALA B 204 -35.60 33.61 14.94
C ALA B 204 -37.03 33.36 14.40
N GLN B 205 -37.27 33.71 13.12
CA GLN B 205 -38.58 33.53 12.48
C GLN B 205 -39.05 32.05 12.52
N PHE B 206 -38.12 31.11 12.26
CA PHE B 206 -38.44 29.69 12.21
C PHE B 206 -38.21 28.95 13.52
N ASN B 207 -37.92 29.71 14.61
CA ASN B 207 -37.74 29.17 15.98
C ASN B 207 -36.65 28.10 16.04
N LEU B 208 -35.53 28.33 15.35
CA LEU B 208 -34.41 27.37 15.38
C LEU B 208 -33.65 27.57 16.69
N GLU B 209 -33.60 26.52 17.52
CA GLU B 209 -32.96 26.56 18.83
C GLU B 209 -31.49 27.01 18.80
N PRO B 210 -31.12 28.14 19.43
CA PRO B 210 -29.70 28.55 19.42
C PRO B 210 -28.82 27.71 20.31
N ASN B 211 -29.35 27.16 21.42
CA ASN B 211 -28.48 26.43 22.36
C ASN B 211 -28.44 24.92 22.09
N ALA B 212 -28.24 24.55 20.82
CA ALA B 212 -28.16 23.14 20.43
C ALA B 212 -27.37 22.98 19.15
N LEU B 213 -26.82 21.78 18.93
CA LEU B 213 -26.15 21.40 17.70
C LEU B 213 -27.26 20.72 16.87
N HIS B 214 -27.44 21.15 15.62
CA HIS B 214 -28.54 20.61 14.83
C HIS B 214 -28.08 19.65 13.73
N ILE B 215 -28.82 18.56 13.53
CA ILE B 215 -28.53 17.64 12.43
C ILE B 215 -29.80 17.31 11.63
N TRP B 216 -29.64 17.24 10.28
CA TRP B 216 -30.67 16.84 9.34
C TRP B 216 -30.14 15.55 8.67
N PRO B 217 -30.34 14.38 9.29
CA PRO B 217 -29.84 13.14 8.68
C PRO B 217 -30.60 12.77 7.39
N HIS B 218 -29.90 12.21 6.39
CA HIS B 218 -30.54 11.80 5.13
C HIS B 218 -29.78 10.62 4.45
N GLY B 219 -29.28 9.69 5.26
CA GLY B 219 -28.57 8.52 4.76
C GLY B 219 -27.21 8.86 4.18
N ASP B 220 -27.10 8.80 2.83
CA ASP B 220 -25.84 9.10 2.12
C ASP B 220 -25.45 10.58 2.10
N TYR B 221 -26.38 11.45 2.49
CA TYR B 221 -26.08 12.88 2.62
C TYR B 221 -26.74 13.44 3.86
N MET B 222 -26.29 14.61 4.31
CA MET B 222 -26.85 15.21 5.54
C MET B 222 -26.45 16.67 5.68
N CYS B 223 -27.12 17.38 6.61
CA CYS B 223 -26.73 18.74 6.98
C CYS B 223 -26.52 18.77 8.49
N ILE B 224 -25.68 19.69 8.92
CA ILE B 224 -25.43 19.96 10.32
C ILE B 224 -25.40 21.50 10.43
N ALA B 225 -25.82 22.04 11.56
CA ALA B 225 -25.76 23.50 11.78
C ALA B 225 -25.26 23.79 13.17
N LEU B 226 -24.33 24.75 13.25
CA LEU B 226 -23.78 25.24 14.50
C LEU B 226 -24.21 26.70 14.68
N PRO B 227 -24.67 27.07 15.89
CA PRO B 227 -25.10 28.46 16.13
C PRO B 227 -23.93 29.41 16.33
N ASN B 228 -24.15 30.68 15.98
CA ASN B 228 -23.21 31.79 16.22
C ASN B 228 -23.77 32.68 17.31
N LEU B 229 -22.90 33.48 17.96
CA LEU B 229 -23.29 34.41 19.04
C LEU B 229 -24.44 35.31 18.67
N ASP B 230 -24.50 35.71 17.40
CA ASP B 230 -25.52 36.63 16.90
C ASP B 230 -26.78 35.90 16.39
N ARG B 231 -26.96 34.58 16.69
CA ARG B 231 -28.15 33.79 16.28
C ARG B 231 -28.13 33.40 14.78
N SER B 232 -27.08 33.75 14.03
CA SER B 232 -26.95 33.20 12.68
C SER B 232 -26.46 31.75 12.87
N PHE B 233 -26.57 30.93 11.83
CA PHE B 233 -26.06 29.55 11.88
C PHE B 233 -25.32 29.28 10.59
N THR B 234 -24.26 28.51 10.67
CA THR B 234 -23.60 28.05 9.45
C THR B 234 -24.04 26.61 9.28
N VAL B 235 -24.73 26.34 8.16
CA VAL B 235 -25.22 24.99 7.80
C VAL B 235 -24.17 24.37 6.87
N THR B 236 -23.72 23.15 7.17
CA THR B 236 -22.81 22.44 6.27
C THR B 236 -23.53 21.24 5.67
N LEU B 237 -23.59 21.20 4.34
CA LEU B 237 -24.19 20.08 3.60
C LEU B 237 -23.06 19.09 3.26
N PHE B 238 -23.22 17.81 3.61
CA PHE B 238 -22.26 16.76 3.24
C PHE B 238 -22.95 15.92 2.17
N LEU B 239 -22.39 15.87 0.96
CA LEU B 239 -23.00 15.19 -0.18
C LEU B 239 -21.92 14.66 -1.12
N HIS B 240 -22.12 13.45 -1.71
CA HIS B 240 -21.14 12.88 -2.65
C HIS B 240 -20.76 13.87 -3.75
N HIS B 241 -19.47 13.94 -4.10
CA HIS B 241 -19.03 14.81 -5.20
C HIS B 241 -19.70 14.29 -6.50
N GLN B 242 -19.73 12.96 -6.68
CA GLN B 242 -20.25 12.31 -7.88
C GLN B 242 -21.18 11.14 -7.52
N SER B 243 -22.17 10.87 -8.39
CA SER B 243 -23.13 9.76 -8.24
C SER B 243 -22.38 8.44 -8.57
N PRO B 244 -22.48 7.36 -7.75
CA PRO B 244 -21.76 6.12 -8.07
C PRO B 244 -22.28 5.44 -9.32
N ALA B 245 -21.48 4.50 -9.88
CA ALA B 245 -21.83 3.71 -11.06
C ALA B 245 -23.11 2.90 -10.82
N ALA B 246 -23.21 2.27 -9.63
CA ALA B 246 -24.35 1.46 -9.18
C ALA B 246 -25.62 2.27 -8.97
N GLN B 247 -25.49 3.54 -8.51
CA GLN B 247 -26.62 4.45 -8.27
C GLN B 247 -26.46 5.76 -9.09
N PRO B 248 -26.74 5.73 -10.42
CA PRO B 248 -26.56 6.95 -11.23
C PRO B 248 -27.53 8.10 -10.93
N ALA B 249 -28.72 7.79 -10.40
CA ALA B 249 -29.77 8.77 -10.08
C ALA B 249 -29.60 9.41 -8.69
N SER B 250 -28.74 8.82 -7.83
CA SER B 250 -28.50 9.29 -6.46
C SER B 250 -27.93 10.72 -6.42
N PRO B 251 -28.42 11.58 -5.48
CA PRO B 251 -27.94 12.96 -5.41
C PRO B 251 -26.43 13.11 -5.27
N SER B 252 -25.87 14.15 -5.91
CA SER B 252 -24.44 14.45 -5.84
C SER B 252 -24.22 15.90 -6.24
N PHE B 253 -23.06 16.48 -5.88
CA PHE B 253 -22.71 17.84 -6.28
C PHE B 253 -22.66 17.98 -7.81
N ALA B 254 -22.21 16.92 -8.52
CA ALA B 254 -22.16 16.89 -9.99
C ALA B 254 -23.54 17.13 -10.62
N GLN B 255 -24.63 16.69 -9.94
CA GLN B 255 -26.00 16.89 -10.42
C GLN B 255 -26.55 18.29 -10.11
N LEU B 256 -25.95 19.02 -9.17
CA LEU B 256 -26.43 20.34 -8.78
C LEU B 256 -25.62 21.40 -9.52
N VAL B 257 -26.03 21.68 -10.78
CA VAL B 257 -25.32 22.62 -11.67
C VAL B 257 -25.28 24.06 -11.17
N ASP B 258 -26.37 24.51 -10.58
CA ASP B 258 -26.45 25.87 -10.10
C ASP B 258 -27.27 25.95 -8.82
N GLY B 259 -27.36 27.16 -8.28
CA GLY B 259 -28.12 27.44 -7.08
C GLY B 259 -29.58 27.09 -7.22
N HIS B 260 -30.15 27.17 -8.44
CA HIS B 260 -31.56 26.81 -8.65
C HIS B 260 -31.82 25.31 -8.48
N ALA B 261 -30.92 24.46 -9.01
CA ALA B 261 -31.00 23.01 -8.82
C ALA B 261 -30.82 22.69 -7.32
N ALA B 262 -29.85 23.38 -6.65
CA ALA B 262 -29.62 23.20 -5.21
C ALA B 262 -30.89 23.54 -4.40
N ARG B 263 -31.62 24.61 -4.80
CA ARG B 263 -32.86 25.00 -4.14
C ARG B 263 -33.93 23.88 -4.24
N ARG B 264 -34.14 23.34 -5.46
CA ARG B 264 -35.12 22.27 -5.71
C ARG B 264 -34.78 21.03 -4.89
N PHE B 265 -33.49 20.69 -4.80
CA PHE B 265 -32.99 19.57 -4.02
C PHE B 265 -33.31 19.77 -2.52
N PHE B 266 -33.06 20.98 -1.97
CA PHE B 266 -33.37 21.26 -0.56
C PHE B 266 -34.88 21.27 -0.31
N GLN B 267 -35.66 21.84 -1.24
CA GLN B 267 -37.11 21.85 -1.09
C GLN B 267 -37.69 20.43 -1.02
N ARG B 268 -37.10 19.49 -1.79
CA ARG B 268 -37.52 18.09 -1.86
C ARG B 268 -37.00 17.22 -0.71
N GLN B 269 -35.69 17.37 -0.35
CA GLN B 269 -35.01 16.52 0.63
C GLN B 269 -34.87 17.12 2.04
N PHE B 270 -34.84 18.45 2.16
CA PHE B 270 -34.72 19.11 3.47
C PHE B 270 -35.82 20.19 3.55
N PRO B 271 -37.12 19.82 3.47
CA PRO B 271 -38.17 20.85 3.40
C PRO B 271 -38.30 21.79 4.60
N ASP B 272 -37.92 21.36 5.80
CA ASP B 272 -38.01 22.24 6.98
C ASP B 272 -36.78 23.14 7.10
N LEU B 273 -35.74 22.84 6.29
CA LEU B 273 -34.50 23.60 6.28
C LEU B 273 -34.44 24.66 5.16
N SER B 274 -34.87 24.30 3.94
CA SER B 274 -34.88 25.19 2.78
C SER B 274 -35.45 26.62 3.10
N PRO B 275 -36.62 26.79 3.80
CA PRO B 275 -37.13 28.16 4.05
C PRO B 275 -36.22 29.05 4.88
N MET B 276 -35.31 28.47 5.69
CA MET B 276 -34.34 29.21 6.52
C MET B 276 -33.10 29.68 5.77
N LEU B 277 -32.87 29.11 4.58
CA LEU B 277 -31.67 29.39 3.79
C LEU B 277 -31.99 30.44 2.70
N ASP B 278 -32.06 31.71 3.10
CA ASP B 278 -32.42 32.81 2.18
C ASP B 278 -31.46 32.99 1.01
N SER B 279 -30.16 32.79 1.26
CA SER B 279 -29.12 32.98 0.27
C SER B 279 -28.61 31.64 -0.31
N LEU B 280 -29.43 30.58 -0.27
CA LEU B 280 -29.05 29.24 -0.73
C LEU B 280 -28.39 29.26 -2.11
N GLU B 281 -29.08 29.83 -3.11
CA GLU B 281 -28.61 29.92 -4.50
C GLU B 281 -27.22 30.55 -4.60
N GLN B 282 -27.03 31.72 -3.98
CA GLN B 282 -25.77 32.49 -3.97
C GLN B 282 -24.68 31.73 -3.21
N ASP B 283 -25.00 31.22 -1.99
CA ASP B 283 -24.01 30.48 -1.20
C ASP B 283 -23.50 29.27 -1.98
N PHE B 284 -24.41 28.52 -2.64
CA PHE B 284 -24.08 27.35 -3.42
C PHE B 284 -23.15 27.65 -4.60
N GLU B 285 -23.40 28.75 -5.32
CA GLU B 285 -22.59 29.13 -6.49
C GLU B 285 -21.27 29.81 -6.14
N HIS B 286 -21.25 30.62 -5.08
CA HIS B 286 -20.07 31.39 -4.68
C HIS B 286 -19.16 30.71 -3.67
N HIS B 287 -19.69 29.78 -2.84
CA HIS B 287 -18.83 29.08 -1.87
C HIS B 287 -18.27 27.80 -2.54
N PRO B 288 -16.94 27.56 -2.49
CA PRO B 288 -16.42 26.35 -3.16
C PRO B 288 -16.78 25.06 -2.43
N THR B 289 -16.89 23.95 -3.16
CA THR B 289 -17.18 22.63 -2.58
C THR B 289 -15.88 22.13 -1.96
N GLY B 290 -15.90 21.90 -0.63
CA GLY B 290 -14.72 21.45 0.09
C GLY B 290 -14.46 19.96 -0.09
N LYS B 291 -13.19 19.57 0.06
CA LYS B 291 -12.80 18.16 -0.06
C LYS B 291 -12.48 17.62 1.32
N LEU B 292 -12.73 16.31 1.52
CA LEU B 292 -12.51 15.63 2.81
C LEU B 292 -11.58 14.44 2.63
N ALA B 293 -10.79 14.12 3.67
CA ALA B 293 -9.88 12.97 3.58
C ALA B 293 -9.28 12.65 4.95
N THR B 294 -8.74 11.44 5.01
CA THR B 294 -8.04 10.93 6.19
C THR B 294 -6.62 10.61 5.70
N LEU B 295 -5.63 11.16 6.38
CA LEU B 295 -4.24 10.87 6.01
C LEU B 295 -3.55 10.34 7.26
N ARG B 296 -3.02 9.12 7.14
CA ARG B 296 -2.38 8.40 8.22
C ARG B 296 -0.90 8.29 7.95
N LEU B 297 -0.07 8.61 8.95
CA LEU B 297 1.38 8.52 8.80
C LEU B 297 1.93 7.54 9.80
N THR B 298 2.94 6.76 9.36
CA THR B 298 3.63 5.83 10.24
C THR B 298 4.59 6.62 11.13
N THR B 299 5.18 7.70 10.58
CA THR B 299 6.21 8.49 11.24
C THR B 299 5.79 9.95 11.34
N TRP B 300 5.92 10.55 12.53
CA TRP B 300 5.61 11.98 12.76
C TRP B 300 6.82 12.84 13.08
N HIS B 301 8.02 12.24 13.18
CA HIS B 301 9.21 13.00 13.54
C HIS B 301 10.43 12.57 12.78
N VAL B 302 11.43 13.46 12.74
CA VAL B 302 12.75 13.22 12.14
C VAL B 302 13.73 13.40 13.33
N GLY B 303 14.13 12.28 13.93
CA GLY B 303 15.05 12.28 15.08
C GLY B 303 14.59 13.27 16.14
N GLY B 304 15.49 14.14 16.57
CA GLY B 304 15.14 15.22 17.51
C GLY B 304 14.97 16.57 16.85
N GLN B 305 14.96 16.59 15.50
CA GLN B 305 14.95 17.81 14.72
C GLN B 305 13.60 18.37 14.41
N ALA B 306 12.63 17.49 14.10
CA ALA B 306 11.31 18.00 13.69
C ALA B 306 10.21 17.06 14.07
N VAL B 307 9.02 17.62 14.33
CA VAL B 307 7.85 16.83 14.68
C VAL B 307 6.63 17.49 14.08
N LEU B 308 5.60 16.68 13.82
CA LEU B 308 4.29 17.15 13.36
C LEU B 308 3.26 17.00 14.46
N LEU B 309 2.22 17.85 14.43
CA LEU B 309 1.09 17.69 15.34
C LEU B 309 -0.15 18.30 14.71
N GLY B 310 -1.31 17.98 15.27
CA GLY B 310 -2.57 18.48 14.74
C GLY B 310 -2.83 17.97 13.33
N ASP B 311 -3.46 18.81 12.51
CA ASP B 311 -3.77 18.47 11.13
C ASP B 311 -2.53 18.12 10.28
N ALA B 312 -1.34 18.65 10.64
CA ALA B 312 -0.11 18.35 9.92
C ALA B 312 0.22 16.85 10.06
N ALA B 313 -0.09 16.28 11.24
CA ALA B 313 0.20 14.88 11.55
C ALA B 313 -0.93 13.95 11.14
N HIS B 314 -2.20 14.37 11.32
CA HIS B 314 -3.29 13.44 11.12
C HIS B 314 -4.58 14.06 10.57
N PRO B 315 -4.59 14.50 9.31
CA PRO B 315 -5.85 15.00 8.72
C PRO B 315 -6.97 13.96 8.89
N MET B 316 -8.14 14.43 9.31
CA MET B 316 -9.28 13.55 9.57
C MET B 316 -10.54 14.14 8.99
N VAL B 317 -11.57 13.29 8.81
CA VAL B 317 -12.86 13.75 8.34
C VAL B 317 -13.51 14.54 9.51
N PRO B 318 -14.35 15.56 9.24
CA PRO B 318 -14.87 16.40 10.36
C PRO B 318 -16.11 15.86 11.08
N PHE B 319 -16.51 14.61 10.75
CA PHE B 319 -17.77 13.98 11.23
C PHE B 319 -17.89 13.82 12.75
N HIS B 320 -16.82 13.97 13.51
CA HIS B 320 -16.97 13.91 14.97
C HIS B 320 -16.75 15.28 15.66
N GLY B 321 -16.40 16.34 14.90
CA GLY B 321 -16.08 17.66 15.43
C GLY B 321 -15.00 17.55 16.48
N GLN B 322 -13.91 16.83 16.15
CA GLN B 322 -12.83 16.57 17.09
C GLN B 322 -11.43 16.96 16.59
N GLY B 323 -11.31 17.42 15.35
CA GLY B 323 -10.00 17.78 14.80
C GLY B 323 -9.27 18.83 15.62
N MET B 324 -9.94 19.96 15.93
CA MET B 324 -9.37 21.04 16.76
C MET B 324 -9.15 20.48 18.19
N ASN B 325 -10.15 19.72 18.73
CA ASN B 325 -10.06 19.13 20.08
C ASN B 325 -8.81 18.27 20.19
N CYS B 326 -8.59 17.43 19.18
CA CYS B 326 -7.42 16.55 19.11
C CYS B 326 -6.14 17.39 18.97
N ALA B 327 -6.15 18.44 18.10
CA ALA B 327 -4.95 19.27 17.89
C ALA B 327 -4.52 19.98 19.19
N LEU B 328 -5.48 20.48 19.97
CA LEU B 328 -5.19 21.15 21.25
C LEU B 328 -4.68 20.14 22.27
N GLU B 329 -5.27 18.91 22.26
CA GLU B 329 -4.81 17.80 23.13
C GLU B 329 -3.35 17.43 22.75
N ASP B 330 -3.04 17.39 21.43
CA ASP B 330 -1.67 17.13 20.93
C ASP B 330 -0.69 18.18 21.45
N ALA B 331 -1.07 19.47 21.40
CA ALA B 331 -0.22 20.59 21.84
C ALA B 331 0.17 20.42 23.31
N VAL B 332 -0.78 20.05 24.15
CA VAL B 332 -0.50 19.83 25.58
C VAL B 332 0.51 18.70 25.74
N ALA B 333 0.27 17.59 25.04
CA ALA B 333 1.12 16.41 25.13
C ALA B 333 2.53 16.72 24.64
N LEU B 334 2.64 17.44 23.51
CA LEU B 334 3.94 17.78 22.96
C LEU B 334 4.72 18.67 23.91
N ALA B 335 4.07 19.70 24.49
CA ALA B 335 4.72 20.62 25.45
C ALA B 335 5.18 19.85 26.68
N GLU B 336 4.33 18.94 27.18
CA GLU B 336 4.67 18.10 28.35
C GLU B 336 5.90 17.23 28.08
N HIS B 337 5.94 16.56 26.91
CA HIS B 337 7.10 15.70 26.55
C HIS B 337 8.38 16.51 26.38
N LEU B 338 8.30 17.63 25.63
CA LEU B 338 9.48 18.47 25.41
C LEU B 338 10.02 19.06 26.72
N GLN B 339 9.12 19.48 27.60
CA GLN B 339 9.56 20.10 28.85
C GLN B 339 10.32 19.15 29.77
N SER B 340 9.88 17.88 29.85
CA SER B 340 10.41 16.89 30.80
CA SER B 340 10.43 16.90 30.80
C SER B 340 11.37 15.83 30.25
N ALA B 341 11.60 15.76 28.94
CA ALA B 341 12.48 14.71 28.39
C ALA B 341 13.96 14.92 28.61
N ALA B 342 14.78 13.84 28.45
CA ALA B 342 16.25 13.92 28.57
C ALA B 342 16.82 14.81 27.45
N ASP B 343 16.20 14.75 26.25
CA ASP B 343 16.62 15.50 25.07
C ASP B 343 15.47 15.51 24.09
N ASN B 344 15.56 16.36 23.05
CA ASN B 344 14.47 16.47 22.06
C ASN B 344 14.17 15.18 21.32
N ALA B 345 15.20 14.39 20.90
CA ALA B 345 14.97 13.11 20.20
C ALA B 345 14.10 12.15 21.06
N SER B 346 14.38 12.07 22.40
CA SER B 346 13.58 11.23 23.31
C SER B 346 12.16 11.77 23.42
N ALA B 347 12.02 13.09 23.57
CA ALA B 347 10.71 13.75 23.69
C ALA B 347 9.84 13.48 22.46
N LEU B 348 10.44 13.59 21.25
CA LEU B 348 9.68 13.42 20.00
C LEU B 348 9.22 11.96 19.80
N ALA B 349 10.10 11.01 20.13
CA ALA B 349 9.78 9.57 20.05
C ALA B 349 8.66 9.23 21.07
N ALA B 350 8.75 9.73 22.33
CA ALA B 350 7.74 9.47 23.37
C ALA B 350 6.38 10.13 23.01
N PHE B 351 6.43 11.37 22.50
CA PHE B 351 5.22 12.06 22.04
C PHE B 351 4.51 11.26 20.93
N THR B 352 5.26 10.86 19.87
CA THR B 352 4.71 10.11 18.75
C THR B 352 4.13 8.75 19.25
N ALA B 353 4.87 8.01 20.09
CA ALA B 353 4.40 6.72 20.62
C ALA B 353 3.09 6.88 21.40
N GLN B 354 2.97 7.96 22.17
CA GLN B 354 1.77 8.21 22.95
C GLN B 354 0.58 8.57 22.06
N ARG B 355 0.78 9.53 21.15
CA ARG B 355 -0.34 10.11 20.39
C ARG B 355 -0.76 9.35 19.14
N GLN B 356 0.16 8.64 18.47
CA GLN B 356 -0.20 7.94 17.25
C GLN B 356 -1.40 6.98 17.38
N PRO B 357 -1.47 6.10 18.41
CA PRO B 357 -2.64 5.22 18.53
C PRO B 357 -3.92 6.03 18.72
N ASP B 358 -3.84 7.16 19.46
CA ASP B 358 -5.01 8.02 19.72
C ASP B 358 -5.49 8.72 18.48
N ALA B 359 -4.55 9.25 17.68
CA ALA B 359 -4.92 9.92 16.42
C ALA B 359 -5.60 8.90 15.46
N LEU B 360 -5.05 7.68 15.35
CA LEU B 360 -5.67 6.63 14.51
C LEU B 360 -7.09 6.35 14.99
N ALA B 361 -7.28 6.27 16.32
CA ALA B 361 -8.58 5.98 16.92
C ALA B 361 -9.60 7.05 16.59
N ILE B 362 -9.26 8.35 16.78
CA ILE B 362 -10.24 9.41 16.46
C ILE B 362 -10.48 9.48 14.94
N GLN B 363 -9.45 9.23 14.12
CA GLN B 363 -9.66 9.18 12.67
C GLN B 363 -10.71 8.13 12.30
N ALA B 364 -10.62 6.93 12.94
CA ALA B 364 -11.52 5.79 12.69
C ALA B 364 -12.92 6.11 13.23
N MET B 365 -13.00 6.66 14.45
CA MET B 365 -14.28 7.03 15.07
C MET B 365 -14.99 8.14 14.32
N ALA B 366 -14.24 9.13 13.77
CA ALA B 366 -14.86 10.20 12.99
C ALA B 366 -15.49 9.62 11.73
N LEU B 367 -14.79 8.73 11.01
CA LEU B 367 -15.34 8.07 9.83
C LEU B 367 -16.63 7.31 10.20
N GLU B 368 -16.62 6.55 11.30
CA GLU B 368 -17.76 5.77 11.77
C GLU B 368 -18.93 6.66 12.19
N ASN B 369 -18.65 7.86 12.76
CA ASN B 369 -19.70 8.75 13.24
C ASN B 369 -20.63 9.24 12.13
N TYR B 370 -20.17 9.24 10.86
CA TYR B 370 -21.04 9.68 9.77
C TYR B 370 -22.33 8.83 9.72
N VAL B 371 -22.21 7.48 9.68
CA VAL B 371 -23.39 6.60 9.61
C VAL B 371 -24.24 6.76 10.85
N GLU B 372 -23.62 6.94 12.03
CA GLU B 372 -24.33 7.13 13.30
C GLU B 372 -25.24 8.35 13.23
N MET B 373 -24.72 9.46 12.71
CA MET B 373 -25.48 10.70 12.60
C MET B 373 -26.52 10.66 11.48
N SER B 374 -26.16 10.09 10.33
CA SER B 374 -26.99 10.21 9.15
C SER B 374 -27.91 9.03 8.86
N SER B 375 -27.58 7.83 9.34
CA SER B 375 -28.40 6.63 9.08
C SER B 375 -28.95 5.98 10.32
N LYS B 376 -28.06 5.68 11.31
CA LYS B 376 -28.43 4.96 12.52
C LYS B 376 -29.46 5.67 13.39
N VAL B 377 -29.40 7.03 13.54
CA VAL B 377 -30.36 7.80 14.37
C VAL B 377 -31.83 7.57 13.99
N ALA B 378 -32.10 7.20 12.73
CA ALA B 378 -33.44 6.98 12.18
C ALA B 378 -33.74 5.47 11.98
N SER B 379 -33.09 4.61 12.79
CA SER B 379 -33.22 3.14 12.70
C SER B 379 -33.81 2.49 13.97
N PRO B 380 -34.84 1.60 13.83
CA PRO B 380 -35.42 0.95 15.03
C PRO B 380 -34.45 0.08 15.85
N THR B 381 -33.48 -0.58 15.18
CA THR B 381 -32.48 -1.41 15.86
C THR B 381 -31.53 -0.54 16.72
N TYR B 382 -31.08 0.64 16.21
CA TYR B 382 -30.20 1.59 16.92
C TYR B 382 -30.89 2.14 18.17
N LEU B 383 -32.19 2.49 18.05
CA LEU B 383 -32.98 3.07 19.13
C LEU B 383 -33.13 2.13 20.32
N LEU B 384 -33.34 0.82 20.05
CA LEU B 384 -33.44 -0.20 21.10
C LEU B 384 -32.06 -0.34 21.77
N GLU B 385 -30.97 -0.41 20.95
CA GLU B 385 -29.57 -0.46 21.40
C GLU B 385 -29.24 0.74 22.31
N ARG B 386 -29.72 1.95 21.95
CA ARG B 386 -29.52 3.19 22.71
C ARG B 386 -30.25 3.15 24.04
N GLU B 387 -31.45 2.55 24.06
CA GLU B 387 -32.27 2.39 25.24
C GLU B 387 -31.57 1.44 26.22
N LEU B 388 -31.08 0.31 25.69
CA LEU B 388 -30.35 -0.67 26.47
C LEU B 388 -29.07 -0.05 27.04
N GLY B 389 -28.38 0.73 26.21
CA GLY B 389 -27.15 1.44 26.57
C GLY B 389 -27.34 2.34 27.78
N GLN B 390 -28.48 3.07 27.80
CA GLN B 390 -28.87 3.97 28.89
C GLN B 390 -29.04 3.23 30.21
N ILE B 391 -29.73 2.06 30.18
CA ILE B 391 -29.96 1.22 31.35
C ILE B 391 -28.63 0.68 31.87
N MET B 392 -27.75 0.24 30.94
CA MET B 392 -26.42 -0.26 31.29
C MET B 392 -25.58 0.81 31.95
N ALA B 393 -25.62 2.04 31.40
CA ALA B 393 -24.89 3.19 31.96
C ALA B 393 -25.42 3.53 33.36
N GLN B 394 -26.76 3.42 33.57
CA GLN B 394 -27.41 3.69 34.85
C GLN B 394 -27.05 2.61 35.89
N ARG B 395 -26.99 1.32 35.47
CA ARG B 395 -26.64 0.22 36.35
C ARG B 395 -25.15 0.13 36.66
N GLN B 396 -24.29 0.43 35.67
CA GLN B 396 -22.83 0.31 35.81
C GLN B 396 -22.14 1.59 35.27
N PRO B 397 -22.31 2.76 35.97
CA PRO B 397 -21.78 4.04 35.44
C PRO B 397 -20.28 4.17 35.26
N THR B 398 -19.49 3.36 35.96
CA THR B 398 -18.03 3.40 35.82
C THR B 398 -17.54 2.39 34.77
N ARG B 399 -18.46 1.57 34.19
CA ARG B 399 -18.12 0.52 33.23
C ARG B 399 -18.70 0.82 31.84
N PHE B 400 -20.01 1.03 31.78
CA PHE B 400 -20.65 1.33 30.51
C PHE B 400 -20.81 2.84 30.33
N ILE B 401 -19.93 3.43 29.53
CA ILE B 401 -19.97 4.88 29.23
C ILE B 401 -20.11 4.96 27.70
N PRO B 402 -21.24 5.46 27.16
CA PRO B 402 -21.42 5.52 25.69
C PRO B 402 -20.23 6.15 24.99
N ARG B 403 -19.81 5.56 23.85
CA ARG B 403 -18.63 6.01 23.11
C ARG B 403 -18.70 7.50 22.81
N TYR B 404 -19.86 8.00 22.39
CA TYR B 404 -19.97 9.44 22.09
C TYR B 404 -19.55 10.30 23.32
N SER B 405 -19.97 9.91 24.53
CA SER B 405 -19.63 10.56 25.79
C SER B 405 -18.15 10.42 26.12
N MET B 406 -17.56 9.20 25.94
CA MET B 406 -16.13 9.01 26.19
C MET B 406 -15.30 9.94 25.28
N VAL B 407 -15.70 10.09 24.01
CA VAL B 407 -14.99 10.94 23.05
C VAL B 407 -15.18 12.43 23.36
N THR B 408 -16.45 12.82 23.54
CA THR B 408 -16.80 14.23 23.62
C THR B 408 -16.63 14.83 25.01
N PHE B 409 -16.99 14.11 26.08
CA PHE B 409 -17.03 14.69 27.43
C PHE B 409 -15.99 14.17 28.40
N SER B 410 -15.10 13.31 27.91
CA SER B 410 -14.06 12.79 28.80
C SER B 410 -12.68 13.00 28.16
N ARG B 411 -11.62 12.76 28.94
CA ARG B 411 -10.26 12.87 28.46
C ARG B 411 -9.62 11.48 28.37
N LEU B 412 -10.45 10.41 28.40
CA LEU B 412 -9.95 9.06 28.25
C LEU B 412 -9.18 8.99 26.90
N PRO B 413 -7.95 8.42 26.83
CA PRO B 413 -7.25 8.37 25.53
C PRO B 413 -8.16 7.84 24.44
N TYR B 414 -8.20 8.50 23.26
CA TYR B 414 -9.09 8.07 22.17
C TYR B 414 -9.03 6.56 21.89
N ALA B 415 -7.82 5.96 21.91
CA ALA B 415 -7.66 4.52 21.64
C ALA B 415 -8.39 3.66 22.68
N GLN B 416 -8.41 4.14 23.94
CA GLN B 416 -9.13 3.44 25.02
C GLN B 416 -10.64 3.60 24.84
N ALA B 417 -11.09 4.82 24.49
CA ALA B 417 -12.52 5.11 24.20
C ALA B 417 -12.96 4.21 23.04
N MET B 418 -12.12 4.05 22.01
CA MET B 418 -12.49 3.20 20.88
C MET B 418 -12.55 1.72 21.27
N ALA B 419 -11.54 1.21 21.99
CA ALA B 419 -11.49 -0.20 22.42
C ALA B 419 -12.71 -0.56 23.31
N ARG B 420 -13.03 0.31 24.30
CA ARG B 420 -14.18 0.11 25.15
C ARG B 420 -15.47 0.26 24.36
N GLY B 421 -15.51 1.21 23.42
CA GLY B 421 -16.68 1.41 22.55
C GLY B 421 -17.00 0.18 21.73
N GLN B 422 -15.95 -0.51 21.21
CA GLN B 422 -16.11 -1.73 20.41
C GLN B 422 -16.72 -2.86 21.23
N ILE B 423 -16.25 -3.04 22.48
CA ILE B 423 -16.81 -4.05 23.40
C ILE B 423 -18.28 -3.74 23.64
N GLN B 424 -18.60 -2.46 23.91
CA GLN B 424 -19.96 -1.99 24.16
C GLN B 424 -20.87 -2.22 22.96
N GLU B 425 -20.37 -1.90 21.74
CA GLU B 425 -21.14 -2.06 20.50
C GLU B 425 -21.49 -3.53 20.28
N GLN B 426 -20.52 -4.43 20.53
CA GLN B 426 -20.71 -5.88 20.40
C GLN B 426 -21.74 -6.41 21.40
N LEU B 427 -21.63 -5.98 22.69
CA LEU B 427 -22.57 -6.38 23.77
C LEU B 427 -24.00 -5.97 23.40
N LEU B 428 -24.18 -4.74 22.94
CA LEU B 428 -25.50 -4.21 22.56
C LEU B 428 -26.09 -4.93 21.39
N LYS B 429 -25.29 -5.12 20.34
CA LYS B 429 -25.69 -5.78 19.10
C LYS B 429 -26.15 -7.22 19.36
N PHE B 430 -25.35 -8.02 20.10
CA PHE B 430 -25.74 -9.39 20.43
C PHE B 430 -26.96 -9.47 21.35
N ALA B 431 -27.12 -8.51 22.27
CA ALA B 431 -28.24 -8.43 23.20
C ALA B 431 -29.55 -8.13 22.52
N VAL B 432 -29.54 -7.17 21.56
CA VAL B 432 -30.78 -6.78 20.88
C VAL B 432 -31.13 -7.67 19.68
N ALA B 433 -30.15 -8.39 19.08
CA ALA B 433 -30.44 -9.24 17.93
C ALA B 433 -31.60 -10.22 18.21
N ASN B 434 -32.55 -10.30 17.25
CA ASN B 434 -33.73 -11.20 17.34
C ASN B 434 -34.73 -10.80 18.45
N HIS B 435 -34.70 -9.51 18.85
CA HIS B 435 -35.64 -8.93 19.83
C HIS B 435 -36.19 -7.62 19.27
N SER B 436 -37.53 -7.46 19.34
CA SER B 436 -38.29 -6.31 18.83
C SER B 436 -38.28 -5.15 19.81
N ASP B 437 -38.32 -5.44 21.13
CA ASP B 437 -38.35 -4.44 22.19
C ASP B 437 -37.58 -4.88 23.44
N LEU B 438 -37.46 -3.96 24.41
CA LEU B 438 -36.74 -4.14 25.66
C LEU B 438 -37.34 -5.20 26.61
N THR B 439 -38.67 -5.46 26.50
CA THR B 439 -39.40 -6.43 27.36
C THR B 439 -38.93 -7.89 27.17
N SER B 440 -38.44 -8.23 25.97
CA SER B 440 -37.94 -9.57 25.65
C SER B 440 -36.44 -9.72 25.96
N ILE B 441 -35.72 -8.59 26.11
CA ILE B 441 -34.29 -8.61 26.42
C ILE B 441 -34.10 -8.87 27.92
N ASN B 442 -33.21 -9.81 28.25
CA ASN B 442 -32.86 -10.12 29.64
C ASN B 442 -31.78 -9.09 30.06
N LEU B 443 -32.18 -8.08 30.84
CA LEU B 443 -31.30 -6.99 31.28
C LEU B 443 -30.13 -7.42 32.18
N ASP B 444 -30.36 -8.34 33.14
CA ASP B 444 -29.32 -8.85 34.04
C ASP B 444 -28.23 -9.60 33.28
N ALA B 445 -28.65 -10.35 32.21
CA ALA B 445 -27.74 -11.08 31.32
C ALA B 445 -26.84 -10.07 30.64
N VAL B 446 -27.44 -8.96 30.15
CA VAL B 446 -26.68 -7.89 29.51
C VAL B 446 -25.69 -7.27 30.52
N GLU B 447 -26.16 -6.96 31.76
CA GLU B 447 -25.33 -6.35 32.82
C GLU B 447 -24.16 -7.26 33.24
N HIS B 448 -24.41 -8.57 33.29
CA HIS B 448 -23.36 -9.52 33.63
C HIS B 448 -22.23 -9.49 32.59
N GLU B 449 -22.59 -9.27 31.31
CA GLU B 449 -21.64 -9.13 30.20
C GLU B 449 -20.81 -7.83 30.39
N VAL B 450 -21.47 -6.76 30.87
CA VAL B 450 -20.83 -5.46 31.17
C VAL B 450 -19.75 -5.64 32.28
N THR B 451 -20.12 -6.28 33.42
CA THR B 451 -19.18 -6.50 34.52
C THR B 451 -18.05 -7.46 34.12
N ARG B 452 -18.37 -8.44 33.26
CA ARG B 452 -17.39 -9.41 32.79
C ARG B 452 -16.38 -8.83 31.79
N CYS B 453 -16.83 -7.95 30.86
CA CYS B 453 -15.98 -7.44 29.76
C CYS B 453 -15.45 -6.02 29.94
N LEU B 454 -16.02 -5.21 30.86
CA LEU B 454 -15.59 -3.82 31.00
C LEU B 454 -15.07 -3.46 32.40
N PRO B 455 -13.72 -3.33 32.58
CA PRO B 455 -13.20 -2.94 33.90
C PRO B 455 -13.68 -1.55 34.32
N PRO B 456 -13.95 -1.31 35.63
CA PRO B 456 -14.44 0.02 36.02
C PRO B 456 -13.35 1.10 35.84
N LEU B 457 -13.79 2.33 35.53
CA LEU B 457 -12.93 3.50 35.31
C LEU B 457 -13.14 4.52 36.43
#